data_2QPF
#
_entry.id   2QPF
#
_cell.length_a   120.511
_cell.length_b   120.511
_cell.length_c   113.186
_cell.angle_alpha   90.00
_cell.angle_beta   90.00
_cell.angle_gamma   120.00
#
_symmetry.space_group_name_H-M   'P 31 2 1'
#
loop_
_entity.id
_entity.type
_entity.pdbx_description
1 polymer Transthyretin
2 water water
#
_entity_poly.entity_id   1
_entity_poly.type   'polypeptide(L)'
_entity_poly.pdbx_seq_one_letter_code
;MGPAGAGESK(OCS)PLMVKVLDAVRGSPAVDVAVKVFKKTSEGSWEPFASGKTAESGELHGLTTDEKFVEGVYRVELDT
KSYWKTLGISPFHEFADVVFTANDSGHRHYTIAALLSPYSYSTTAVVSNPQN
;
_entity_poly.pdbx_strand_id   A,B,C,D,E,F,G,H
#
# COMPACT_ATOMS: atom_id res chain seq x y z
N SER A 9 44.08 3.47 10.59
CA SER A 9 44.16 3.44 12.09
C SER A 9 43.80 2.05 12.63
N LYS A 10 43.73 1.94 13.95
CA LYS A 10 43.32 0.70 14.63
C LYS A 10 41.82 0.72 14.97
N PRO A 12 38.19 0.03 14.80
CA PRO A 12 37.43 -1.01 14.10
C PRO A 12 35.94 -0.72 13.88
N LEU A 13 35.40 0.31 14.51
CA LEU A 13 33.99 0.64 14.36
C LEU A 13 33.75 2.15 14.40
N MET A 14 33.45 2.73 13.25
CA MET A 14 33.18 4.17 13.16
C MET A 14 31.80 4.42 12.60
N VAL A 15 31.24 5.56 12.96
CA VAL A 15 29.94 6.01 12.47
C VAL A 15 30.13 7.39 11.85
N LYS A 16 29.53 7.58 10.66
CA LYS A 16 29.56 8.87 9.97
C LYS A 16 28.13 9.21 9.56
N VAL A 17 27.68 10.43 9.84
CA VAL A 17 26.28 10.80 9.60
C VAL A 17 26.19 12.17 8.92
N LEU A 18 25.36 12.26 7.88
CA LEU A 18 25.12 13.51 7.16
C LEU A 18 23.65 13.91 7.19
N ASP A 19 23.43 15.21 7.09
CA ASP A 19 22.10 15.80 7.12
C ASP A 19 21.78 16.26 5.69
N ALA A 20 20.74 15.65 5.10
CA ALA A 20 20.35 15.94 3.72
C ALA A 20 19.48 17.21 3.56
N VAL A 21 18.98 17.75 4.68
CA VAL A 21 18.20 18.99 4.66
C VAL A 21 19.11 20.21 4.70
N ARG A 22 20.14 20.15 5.54
CA ARG A 22 21.03 21.28 5.76
C ARG A 22 22.28 21.25 4.89
N GLY A 23 22.61 20.08 4.32
CA GLY A 23 23.84 19.93 3.55
C GLY A 23 25.08 20.09 4.42
N SER A 24 25.10 19.31 5.50
CA SER A 24 26.14 19.44 6.50
C SER A 24 26.28 18.11 7.24
N PRO A 25 27.35 17.97 8.03
CA PRO A 25 27.38 16.84 8.95
C PRO A 25 26.20 16.88 9.93
N ALA A 26 25.75 15.72 10.39
CA ALA A 26 24.77 15.64 11.48
C ALA A 26 25.54 15.59 12.79
N VAL A 27 25.53 16.72 13.51
CA VAL A 27 26.31 16.88 14.73
C VAL A 27 25.48 16.51 15.96
N ASP A 28 26.14 15.96 16.98
CA ASP A 28 25.48 15.58 18.24
C ASP A 28 24.34 14.56 18.05
N VAL A 29 24.51 13.65 17.10
CA VAL A 29 23.61 12.51 16.97
C VAL A 29 24.06 11.47 17.99
N ALA A 30 23.14 11.06 18.86
CA ALA A 30 23.44 10.06 19.90
C ALA A 30 23.47 8.66 19.28
N VAL A 31 24.52 7.91 19.58
CA VAL A 31 24.70 6.58 19.05
C VAL A 31 24.88 5.56 20.18
N LYS A 32 24.07 4.50 20.15
CA LYS A 32 24.16 3.39 21.10
C LYS A 32 24.52 2.12 20.33
N VAL A 33 25.49 1.37 20.84
CA VAL A 33 25.88 0.08 20.25
C VAL A 33 25.60 -1.04 21.23
N PHE A 34 25.00 -2.11 20.72
CA PHE A 34 24.66 -3.28 21.54
C PHE A 34 25.24 -4.53 20.91
N LYS A 35 25.45 -5.55 21.73
CA LYS A 35 25.89 -6.86 21.28
C LYS A 35 24.88 -7.91 21.73
N LYS A 36 24.50 -8.79 20.80
CA LYS A 36 23.55 -9.87 21.08
C LYS A 36 24.17 -10.95 21.97
N THR A 37 23.46 -11.32 23.04
CA THR A 37 23.91 -12.36 23.98
C THR A 37 23.49 -13.75 23.49
N SER A 38 23.99 -14.78 24.19
CA SER A 38 23.60 -16.17 23.92
C SER A 38 22.10 -16.39 24.07
N GLU A 39 21.51 -15.82 25.13
CA GLU A 39 20.06 -15.96 25.39
C GLU A 39 19.19 -15.25 24.34
N GLY A 40 19.78 -14.31 23.62
CA GLY A 40 19.11 -13.63 22.51
C GLY A 40 18.63 -12.22 22.80
N SER A 41 19.27 -11.56 23.76
CA SER A 41 18.94 -10.18 24.11
C SER A 41 20.09 -9.23 23.79
N TRP A 42 19.79 -7.94 23.79
CA TRP A 42 20.78 -6.91 23.51
C TRP A 42 21.37 -6.34 24.79
N GLU A 43 22.68 -6.48 24.97
CA GLU A 43 23.37 -5.86 26.09
C GLU A 43 24.22 -4.68 25.62
N PRO A 44 24.33 -3.62 26.44
CA PRO A 44 25.08 -2.44 26.05
C PRO A 44 26.54 -2.77 25.72
N PHE A 45 27.03 -2.21 24.61
CA PHE A 45 28.41 -2.44 24.18
C PHE A 45 29.22 -1.15 24.18
N ALA A 46 28.66 -0.10 23.61
CA ALA A 46 29.35 1.20 23.52
C ALA A 46 28.37 2.31 23.17
N SER A 47 28.78 3.55 23.45
CA SER A 47 27.94 4.71 23.16
C SER A 47 28.78 5.96 22.94
N GLY A 48 28.22 6.90 22.17
CA GLY A 48 28.85 8.18 21.93
C GLY A 48 27.93 9.13 21.19
N LYS A 49 28.48 10.29 20.81
CA LYS A 49 27.78 11.25 19.96
C LYS A 49 28.67 11.69 18.81
N THR A 50 28.07 12.02 17.67
CA THR A 50 28.86 12.48 16.52
C THR A 50 29.44 13.87 16.77
N ALA A 51 30.68 14.06 16.32
CA ALA A 51 31.39 15.32 16.48
C ALA A 51 30.93 16.33 15.43
N GLU A 52 31.58 17.50 15.40
CA GLU A 52 31.29 18.53 14.38
C GLU A 52 31.40 18.01 12.95
N SER A 53 32.29 17.04 12.76
CA SER A 53 32.51 16.38 11.48
C SER A 53 31.39 15.43 11.08
N GLY A 54 30.48 15.12 12.01
CA GLY A 54 29.43 14.14 11.80
C GLY A 54 29.89 12.71 12.05
N GLU A 55 31.10 12.57 12.57
CA GLU A 55 31.70 11.27 12.75
C GLU A 55 31.87 10.96 14.23
N LEU A 56 31.86 9.67 14.54
CA LEU A 56 32.08 9.18 15.89
C LEU A 56 33.17 8.11 15.82
N HIS A 57 34.29 8.39 16.48
CA HIS A 57 35.44 7.50 16.54
C HIS A 57 35.63 6.99 17.97
N GLY A 58 36.49 5.98 18.11
CA GLY A 58 36.88 5.46 19.43
C GLY A 58 35.79 4.78 20.23
N LEU A 59 34.79 4.20 19.56
CA LEU A 59 33.72 3.47 20.25
C LEU A 59 34.26 2.22 20.96
N THR A 60 35.18 1.51 20.31
CA THR A 60 35.69 0.23 20.81
C THR A 60 37.10 -0.06 20.32
N THR A 61 37.62 -1.24 20.67
CA THR A 61 38.91 -1.73 20.19
C THR A 61 38.78 -3.15 19.65
N ASP A 62 39.83 -3.65 19.00
CA ASP A 62 39.83 -5.02 18.47
C ASP A 62 39.85 -6.08 19.58
N GLU A 63 40.32 -5.71 20.77
CA GLU A 63 40.25 -6.59 21.93
C GLU A 63 38.78 -6.90 22.31
N LYS A 64 37.98 -5.84 22.36
CA LYS A 64 36.61 -5.89 22.85
C LYS A 64 35.59 -6.21 21.75
N PHE A 65 35.92 -5.77 20.52
CA PHE A 65 35.02 -5.93 19.37
C PHE A 65 35.19 -7.32 18.76
N VAL A 66 34.62 -8.31 19.44
CA VAL A 66 34.75 -9.72 19.06
C VAL A 66 33.61 -10.17 18.14
N GLU A 67 33.68 -11.41 17.67
CA GLU A 67 32.64 -12.02 16.84
C GLU A 67 31.30 -11.96 17.55
N GLY A 68 30.27 -11.50 16.83
CA GLY A 68 28.92 -11.41 17.36
C GLY A 68 28.00 -10.63 16.45
N VAL A 69 26.72 -10.56 16.83
CA VAL A 69 25.75 -9.73 16.14
C VAL A 69 25.63 -8.42 16.91
N TYR A 70 25.78 -7.32 16.18
CA TYR A 70 25.75 -5.99 16.77
C TYR A 70 24.59 -5.15 16.25
N ARG A 71 24.16 -4.22 17.09
CA ARG A 71 23.11 -3.27 16.77
C ARG A 71 23.67 -1.88 17.03
N VAL A 72 23.66 -1.04 16.01
CA VAL A 72 24.05 0.35 16.13
C VAL A 72 22.81 1.24 15.93
N GLU A 73 22.46 2.02 16.95
CA GLU A 73 21.23 2.83 16.91
C GLU A 73 21.56 4.34 16.93
N LEU A 74 21.10 5.05 15.91
CA LEU A 74 21.16 6.51 15.88
C LEU A 74 19.85 7.09 16.36
N ASP A 75 19.94 7.97 17.35
CA ASP A 75 18.75 8.67 17.86
C ASP A 75 18.36 9.79 16.90
N THR A 76 17.80 9.41 15.76
CA THR A 76 17.40 10.35 14.73
C THR A 76 16.26 11.27 15.19
N LYS A 77 15.38 10.75 16.03
CA LYS A 77 14.22 11.49 16.52
C LYS A 77 14.63 12.72 17.33
N SER A 78 15.49 12.52 18.31
CA SER A 78 16.01 13.63 19.12
C SER A 78 16.81 14.62 18.28
N TYR A 79 17.50 14.12 17.26
CA TYR A 79 18.28 14.98 16.36
C TYR A 79 17.40 16.00 15.63
N TRP A 80 16.32 15.51 15.01
CA TRP A 80 15.40 16.39 14.28
C TRP A 80 14.62 17.34 15.18
N LYS A 81 14.15 16.83 16.31
CA LYS A 81 13.36 17.63 17.25
C LYS A 81 14.17 18.77 17.88
N THR A 82 15.47 18.57 18.05
CA THR A 82 16.38 19.62 18.49
C THR A 82 16.47 20.76 17.46
N LEU A 83 16.27 20.43 16.19
CA LEU A 83 16.27 21.41 15.10
C LEU A 83 14.87 21.95 14.79
N GLY A 84 13.89 21.61 15.62
CA GLY A 84 12.51 22.08 15.45
C GLY A 84 11.70 21.32 14.42
N ILE A 85 12.17 20.13 14.05
CA ILE A 85 11.53 19.32 13.01
C ILE A 85 10.96 18.05 13.64
N SER A 86 9.71 17.72 13.30
CA SER A 86 9.08 16.48 13.76
C SER A 86 9.31 15.37 12.73
N PRO A 87 10.13 14.36 13.08
CA PRO A 87 10.53 13.33 12.12
C PRO A 87 9.61 12.11 12.13
N PHE A 88 9.78 11.22 11.16
CA PHE A 88 8.94 10.03 11.05
C PHE A 88 9.39 8.90 11.98
N HIS A 89 10.68 8.55 11.92
CA HIS A 89 11.19 7.35 12.61
C HIS A 89 11.47 7.60 14.10
N GLU A 90 11.28 6.56 14.91
CA GLU A 90 11.67 6.58 16.32
C GLU A 90 13.18 6.64 16.49
N PHE A 91 13.87 5.98 15.57
CA PHE A 91 15.32 5.93 15.51
C PHE A 91 15.70 5.26 14.20
N ALA A 92 17.00 5.18 13.91
CA ALA A 92 17.52 4.41 12.79
C ALA A 92 18.55 3.43 13.35
N ASP A 93 18.29 2.14 13.20
CA ASP A 93 19.29 1.15 13.66
C ASP A 93 19.81 0.28 12.54
N VAL A 94 21.00 -0.24 12.77
CA VAL A 94 21.71 -1.09 11.83
C VAL A 94 22.12 -2.34 12.59
N VAL A 95 21.72 -3.51 12.09
CA VAL A 95 22.03 -4.78 12.71
C VAL A 95 22.83 -5.66 11.77
N PHE A 96 23.94 -6.20 12.27
CA PHE A 96 24.86 -6.95 11.44
C PHE A 96 25.77 -7.87 12.24
N THR A 97 26.19 -8.94 11.58
CA THR A 97 27.20 -9.84 12.11
C THR A 97 28.56 -9.24 11.81
N ALA A 98 29.43 -9.25 12.81
CA ALA A 98 30.77 -8.69 12.69
C ALA A 98 31.83 -9.74 13.04
N ASN A 99 32.95 -9.69 12.32
CA ASN A 99 34.16 -10.43 12.65
C ASN A 99 34.00 -11.96 12.64
N ASP A 100 33.15 -12.47 11.76
CA ASP A 100 32.89 -13.92 11.70
C ASP A 100 33.82 -14.67 10.75
N SER A 101 34.70 -13.96 10.06
CA SER A 101 35.81 -14.57 9.32
C SER A 101 37.12 -13.87 9.69
N GLY A 102 37.26 -13.52 10.96
CA GLY A 102 38.40 -12.74 11.45
C GLY A 102 38.04 -11.28 11.62
N HIS A 103 38.92 -10.52 12.27
CA HIS A 103 38.67 -9.11 12.52
C HIS A 103 38.67 -8.27 11.25
N ARG A 104 37.67 -7.40 11.14
CA ARG A 104 37.60 -6.38 10.10
C ARG A 104 37.37 -5.04 10.76
N HIS A 105 37.55 -3.97 9.99
CA HIS A 105 37.16 -2.63 10.41
C HIS A 105 35.88 -2.24 9.66
N TYR A 106 34.95 -1.62 10.39
CA TYR A 106 33.64 -1.28 9.88
C TYR A 106 33.39 0.20 10.03
N THR A 107 32.80 0.79 9.00
CA THR A 107 32.21 2.12 9.06
C THR A 107 30.73 2.01 8.70
N ILE A 108 29.88 2.54 9.56
CA ILE A 108 28.45 2.66 9.31
C ILE A 108 28.18 4.12 8.95
N ALA A 109 27.85 4.36 7.68
CA ALA A 109 27.54 5.70 7.21
C ALA A 109 26.02 5.82 7.12
N ALA A 110 25.50 7.02 7.42
CA ALA A 110 24.07 7.27 7.31
C ALA A 110 23.75 8.67 6.79
N LEU A 111 22.72 8.76 5.96
CA LEU A 111 22.25 10.02 5.41
C LEU A 111 20.81 10.23 5.90
N LEU A 112 20.56 11.35 6.58
CA LEU A 112 19.28 11.59 7.24
C LEU A 112 18.41 12.67 6.58
N SER A 113 17.15 12.32 6.38
CA SER A 113 16.08 13.29 6.11
C SER A 113 14.94 13.02 7.11
N PRO A 114 14.04 14.01 7.33
CA PRO A 114 12.98 13.78 8.33
C PRO A 114 12.11 12.52 8.12
N TYR A 115 11.80 12.17 6.87
CA TYR A 115 10.97 11.01 6.57
C TYR A 115 11.72 9.88 5.86
N SER A 116 13.04 9.98 5.81
CA SER A 116 13.84 9.03 5.05
C SER A 116 15.25 8.94 5.63
N TYR A 117 15.85 7.76 5.58
CA TYR A 117 17.30 7.64 5.78
C TYR A 117 17.89 6.53 4.92
N SER A 118 19.18 6.66 4.63
CA SER A 118 19.92 5.59 3.98
C SER A 118 21.10 5.24 4.86
N THR A 119 21.51 3.97 4.82
CA THR A 119 22.66 3.54 5.59
C THR A 119 23.49 2.59 4.72
N THR A 120 24.81 2.75 4.80
CA THR A 120 25.74 1.93 4.05
C THR A 120 26.85 1.45 4.99
N ALA A 121 27.34 0.24 4.74
CA ALA A 121 28.49 -0.30 5.48
C ALA A 121 29.73 -0.34 4.59
N VAL A 122 30.83 0.16 5.12
CA VAL A 122 32.14 0.00 4.50
C VAL A 122 32.94 -0.96 5.36
N VAL A 123 33.33 -2.11 4.78
CA VAL A 123 34.08 -3.14 5.48
C VAL A 123 35.47 -3.28 4.85
N SER A 124 36.50 -3.15 5.67
CA SER A 124 37.89 -3.29 5.21
C SER A 124 38.68 -4.27 6.06
N ASN A 125 39.77 -4.76 5.49
CA ASN A 125 40.71 -5.61 6.19
C ASN A 125 41.82 -4.71 6.73
N LYS B 10 -8.07 2.22 0.68
CA LYS B 10 -8.43 1.69 2.03
C LYS B 10 -7.27 0.98 2.74
N PRO B 12 -4.11 0.83 4.78
CA PRO B 12 -3.43 1.77 5.67
C PRO B 12 -1.92 1.59 5.82
N LEU B 13 -1.40 0.41 5.47
CA LEU B 13 0.02 0.10 5.63
C LEU B 13 0.49 -0.80 4.48
N MET B 14 1.26 -0.20 3.57
CA MET B 14 1.83 -0.90 2.42
C MET B 14 3.35 -0.88 2.50
N VAL B 15 3.97 -1.87 1.85
CA VAL B 15 5.43 -1.99 1.78
C VAL B 15 5.82 -2.20 0.32
N LYS B 16 6.83 -1.45 -0.11
CA LYS B 16 7.33 -1.50 -1.48
C LYS B 16 8.83 -1.61 -1.45
N VAL B 17 9.38 -2.60 -2.16
CA VAL B 17 10.81 -2.88 -2.10
C VAL B 17 11.39 -3.03 -3.51
N LEU B 18 12.51 -2.33 -3.73
CA LEU B 18 13.23 -2.36 -5.00
C LEU B 18 14.65 -2.85 -4.81
N ASP B 19 15.19 -3.43 -5.88
CA ASP B 19 16.52 -4.03 -5.88
C ASP B 19 17.37 -3.13 -6.76
N ALA B 20 18.38 -2.49 -6.15
CA ALA B 20 19.27 -1.55 -6.83
C ALA B 20 20.38 -2.22 -7.65
N VAL B 21 20.56 -3.53 -7.48
CA VAL B 21 21.57 -4.29 -8.23
C VAL B 21 21.02 -4.78 -9.56
N ARG B 22 19.75 -5.20 -9.55
CA ARG B 22 19.12 -5.76 -10.73
C ARG B 22 18.20 -4.78 -11.43
N GLY B 23 17.89 -3.65 -10.80
CA GLY B 23 16.96 -2.69 -11.40
C GLY B 23 15.58 -3.30 -11.60
N SER B 24 15.06 -3.89 -10.53
CA SER B 24 13.82 -4.63 -10.57
C SER B 24 13.15 -4.49 -9.23
N PRO B 25 11.85 -4.84 -9.15
CA PRO B 25 11.26 -4.98 -7.81
C PRO B 25 11.98 -6.08 -7.03
N ALA B 26 12.00 -5.97 -5.71
CA ALA B 26 12.52 -7.04 -4.85
C ALA B 26 11.37 -7.99 -4.54
N VAL B 27 11.38 -9.14 -5.21
CA VAL B 27 10.29 -10.11 -5.15
C VAL B 27 10.58 -11.14 -4.06
N ASP B 28 9.54 -11.54 -3.34
CA ASP B 28 9.65 -12.60 -2.33
C ASP B 28 10.37 -12.16 -1.06
N VAL B 29 10.39 -10.86 -0.79
CA VAL B 29 11.00 -10.35 0.44
C VAL B 29 10.04 -10.60 1.60
N ALA B 30 10.50 -11.34 2.61
CA ALA B 30 9.69 -11.62 3.80
C ALA B 30 9.57 -10.38 4.68
N VAL B 31 8.34 -10.06 5.06
CA VAL B 31 8.04 -8.87 5.85
C VAL B 31 7.30 -9.29 7.12
N LYS B 32 7.76 -8.77 8.25
CA LYS B 32 7.14 -9.00 9.54
C LYS B 32 6.85 -7.64 10.16
N VAL B 33 5.64 -7.46 10.65
CA VAL B 33 5.28 -6.24 11.37
C VAL B 33 5.06 -6.62 12.83
N PHE B 34 5.54 -5.78 13.73
CA PHE B 34 5.33 -5.93 15.16
C PHE B 34 4.74 -4.64 15.70
N LYS B 35 3.93 -4.76 16.76
CA LYS B 35 3.39 -3.61 17.48
C LYS B 35 3.90 -3.63 18.91
N LYS B 36 4.34 -2.49 19.42
CA LYS B 36 4.84 -2.40 20.78
C LYS B 36 3.69 -2.48 21.78
N THR B 37 3.90 -3.18 22.89
CA THR B 37 2.88 -3.27 23.95
C THR B 37 3.13 -2.21 25.02
N SER B 38 2.21 -2.11 25.97
CA SER B 38 2.33 -1.17 27.10
C SER B 38 3.58 -1.46 27.94
N GLU B 39 3.91 -2.74 28.08
CA GLU B 39 5.10 -3.17 28.82
C GLU B 39 6.42 -2.92 28.08
N GLY B 40 6.33 -2.64 26.77
CA GLY B 40 7.49 -2.23 25.97
C GLY B 40 8.02 -3.32 25.04
N SER B 41 7.36 -4.47 25.01
CA SER B 41 7.81 -5.59 24.18
C SER B 41 7.16 -5.56 22.80
N TRP B 42 7.81 -6.20 21.83
CA TRP B 42 7.28 -6.30 20.48
C TRP B 42 6.45 -7.57 20.34
N GLU B 43 5.17 -7.43 20.00
CA GLU B 43 4.32 -8.58 19.73
C GLU B 43 3.95 -8.64 18.25
N PRO B 44 3.86 -9.86 17.68
CA PRO B 44 3.53 -10.01 16.26
C PRO B 44 2.21 -9.31 15.89
N PHE B 45 2.22 -8.58 14.77
CA PHE B 45 1.04 -7.84 14.33
C PHE B 45 0.56 -8.28 12.93
N ALA B 46 1.49 -8.44 11.99
CA ALA B 46 1.16 -8.83 10.63
C ALA B 46 2.39 -9.35 9.91
N SER B 47 2.18 -10.10 8.84
CA SER B 47 3.30 -10.64 8.05
C SER B 47 2.87 -11.00 6.64
N GLY B 48 3.84 -10.95 5.72
CA GLY B 48 3.60 -11.33 4.35
C GLY B 48 4.89 -11.28 3.55
N LYS B 49 4.75 -11.39 2.23
CA LYS B 49 5.88 -11.43 1.32
C LYS B 49 5.60 -10.46 0.17
N THR B 50 6.64 -9.82 -0.38
CA THR B 50 6.44 -8.92 -1.52
C THR B 50 6.10 -9.75 -2.78
N ALA B 51 5.20 -9.23 -3.61
CA ALA B 51 4.80 -9.87 -4.84
C ALA B 51 5.78 -9.59 -5.99
N GLU B 52 5.40 -9.98 -7.20
CA GLU B 52 6.20 -9.68 -8.41
C GLU B 52 6.44 -8.19 -8.59
N SER B 53 5.51 -7.37 -8.10
CA SER B 53 5.61 -5.92 -8.16
C SER B 53 6.61 -5.33 -7.15
N GLY B 54 7.09 -6.16 -6.21
CA GLY B 54 7.89 -5.69 -5.10
C GLY B 54 7.07 -5.05 -4.00
N GLU B 55 5.74 -5.07 -4.16
CA GLU B 55 4.81 -4.43 -3.21
C GLU B 55 4.10 -5.49 -2.37
N LEU B 56 3.76 -5.12 -1.13
CA LEU B 56 3.01 -5.96 -0.21
C LEU B 56 1.76 -5.20 0.23
N HIS B 57 0.59 -5.76 -0.08
CA HIS B 57 -0.71 -5.20 0.28
C HIS B 57 -1.47 -6.12 1.22
N GLY B 58 -2.39 -5.53 1.97
CA GLY B 58 -3.35 -6.30 2.77
C GLY B 58 -2.80 -6.83 4.08
N LEU B 59 -1.76 -6.20 4.60
CA LEU B 59 -1.19 -6.59 5.89
C LEU B 59 -2.21 -6.42 7.02
N THR B 60 -2.95 -5.32 6.98
CA THR B 60 -3.90 -4.98 8.02
C THR B 60 -5.02 -4.10 7.45
N THR B 61 -5.90 -3.64 8.34
CA THR B 61 -7.05 -2.80 7.98
C THR B 61 -7.08 -1.57 8.89
N ASP B 62 -7.81 -0.53 8.47
CA ASP B 62 -7.95 0.70 9.26
C ASP B 62 -8.42 0.44 10.69
N GLU B 63 -9.35 -0.51 10.84
CA GLU B 63 -9.90 -0.87 12.15
C GLU B 63 -8.83 -1.46 13.07
N LYS B 64 -8.03 -2.38 12.54
CA LYS B 64 -6.99 -3.07 13.32
C LYS B 64 -5.70 -2.26 13.48
N PHE B 65 -5.49 -1.26 12.62
CA PHE B 65 -4.26 -0.47 12.62
C PHE B 65 -4.41 0.74 13.55
N VAL B 66 -4.37 0.48 14.85
CA VAL B 66 -4.60 1.52 15.87
C VAL B 66 -3.33 2.30 16.22
N GLU B 67 -3.50 3.37 16.99
CA GLU B 67 -2.37 4.15 17.49
C GLU B 67 -1.38 3.23 18.22
N GLY B 68 -0.10 3.41 17.91
CA GLY B 68 0.96 2.64 18.55
C GLY B 68 2.29 2.82 17.87
N VAL B 69 3.31 2.18 18.43
CA VAL B 69 4.64 2.15 17.84
C VAL B 69 4.78 0.82 17.10
N TYR B 70 5.16 0.91 15.83
CA TYR B 70 5.26 -0.26 14.96
C TYR B 70 6.68 -0.46 14.48
N ARG B 71 7.03 -1.72 14.26
CA ARG B 71 8.30 -2.12 13.68
C ARG B 71 8.03 -3.00 12.47
N VAL B 72 8.48 -2.55 11.30
CA VAL B 72 8.39 -3.30 10.06
C VAL B 72 9.78 -3.85 9.72
N GLU B 73 9.91 -5.17 9.63
CA GLU B 73 11.21 -5.81 9.43
C GLU B 73 11.23 -6.53 8.09
N LEU B 74 12.13 -6.11 7.21
CA LEU B 74 12.35 -6.80 5.95
C LEU B 74 13.49 -7.81 6.12
N ASP B 75 13.25 -9.06 5.75
CA ASP B 75 14.29 -10.10 5.80
C ASP B 75 15.19 -9.97 4.57
N THR B 76 16.07 -8.97 4.63
CA THR B 76 16.99 -8.66 3.53
C THR B 76 18.08 -9.74 3.41
N LYS B 77 18.49 -10.32 4.53
CA LYS B 77 19.51 -11.36 4.51
C LYS B 77 19.09 -12.56 3.67
N SER B 78 17.90 -13.10 3.92
CA SER B 78 17.40 -14.23 3.12
C SER B 78 17.21 -13.87 1.65
N TYR B 79 16.83 -12.62 1.39
CA TYR B 79 16.62 -12.16 0.01
C TYR B 79 17.92 -12.25 -0.80
N TRP B 80 18.99 -11.66 -0.28
CA TRP B 80 20.28 -11.69 -0.98
C TRP B 80 20.86 -13.08 -1.06
N LYS B 81 20.72 -13.86 0.01
CA LYS B 81 21.26 -15.23 0.00
C LYS B 81 20.57 -16.13 -1.02
N THR B 82 19.27 -15.91 -1.25
CA THR B 82 18.54 -16.65 -2.29
C THR B 82 19.10 -16.37 -3.69
N LEU B 83 19.57 -15.14 -3.90
CA LEU B 83 20.21 -14.72 -5.15
C LEU B 83 21.72 -15.00 -5.20
N GLY B 84 22.24 -15.76 -4.22
CA GLY B 84 23.67 -16.12 -4.19
C GLY B 84 24.60 -15.02 -3.70
N ILE B 85 24.08 -14.08 -2.92
CA ILE B 85 24.87 -12.93 -2.45
C ILE B 85 24.92 -12.93 -0.92
N SER B 86 26.12 -12.77 -0.37
CA SER B 86 26.31 -12.65 1.07
C SER B 86 26.19 -11.17 1.45
N PRO B 87 25.07 -10.81 2.11
CA PRO B 87 24.85 -9.39 2.39
C PRO B 87 25.39 -8.96 3.75
N PHE B 88 25.41 -7.65 3.97
CA PHE B 88 25.93 -7.11 5.22
C PHE B 88 24.96 -7.22 6.42
N HIS B 89 23.72 -6.79 6.21
CA HIS B 89 22.75 -6.61 7.29
C HIS B 89 22.03 -7.92 7.61
N GLU B 90 21.66 -8.07 8.88
CA GLU B 90 20.82 -9.19 9.30
C GLU B 90 19.39 -9.02 8.80
N PHE B 91 18.94 -7.77 8.75
CA PHE B 91 17.60 -7.40 8.28
C PHE B 91 17.59 -5.88 8.21
N ALA B 92 16.47 -5.31 7.74
CA ALA B 92 16.24 -3.88 7.77
C ALA B 92 14.96 -3.62 8.56
N ASP B 93 15.10 -2.95 9.71
CA ASP B 93 13.96 -2.54 10.56
C ASP B 93 13.55 -1.10 10.24
N VAL B 94 12.26 -0.84 10.25
CA VAL B 94 11.74 0.51 10.19
C VAL B 94 10.79 0.65 11.36
N VAL B 95 11.12 1.54 12.29
CA VAL B 95 10.33 1.72 13.51
C VAL B 95 9.74 3.13 13.58
N PHE B 96 8.45 3.23 13.87
CA PHE B 96 7.72 4.49 13.83
C PHE B 96 6.43 4.50 14.64
N THR B 97 6.04 5.68 15.10
CA THR B 97 4.73 5.87 15.73
C THR B 97 3.70 6.13 14.64
N ALA B 98 2.58 5.40 14.71
CA ALA B 98 1.51 5.50 13.71
C ALA B 98 0.24 6.03 14.37
N ASN B 99 -0.55 6.77 13.59
CA ASN B 99 -1.89 7.20 14.01
C ASN B 99 -1.94 7.91 15.37
N ASP B 100 -0.92 8.69 15.68
CA ASP B 100 -0.85 9.41 16.97
C ASP B 100 -1.72 10.67 16.98
N SER B 101 -2.07 11.17 15.80
CA SER B 101 -2.99 12.31 15.67
C SER B 101 -3.97 12.08 14.51
N GLY B 102 -4.76 11.00 14.61
CA GLY B 102 -5.74 10.64 13.59
C GLY B 102 -5.21 9.55 12.66
N HIS B 103 -6.12 8.82 12.02
CA HIS B 103 -5.73 7.73 11.12
C HIS B 103 -5.11 8.26 9.82
N ARG B 104 -3.95 7.71 9.48
CA ARG B 104 -3.27 8.00 8.22
C ARG B 104 -2.99 6.71 7.46
N HIS B 105 -2.66 6.85 6.18
CA HIS B 105 -2.19 5.75 5.35
C HIS B 105 -0.68 5.84 5.18
N TYR B 106 0.01 4.73 5.41
CA TYR B 106 1.47 4.70 5.39
C TYR B 106 1.99 3.78 4.29
N THR B 107 2.98 4.25 3.56
CA THR B 107 3.80 3.42 2.69
C THR B 107 5.23 3.45 3.18
N ILE B 108 5.79 2.28 3.45
CA ILE B 108 7.20 2.14 3.75
C ILE B 108 7.88 1.59 2.50
N ALA B 109 8.66 2.44 1.84
CA ALA B 109 9.42 2.04 0.66
C ALA B 109 10.88 1.80 1.05
N ALA B 110 11.51 0.83 0.39
CA ALA B 110 12.89 0.46 0.66
C ALA B 110 13.63 0.14 -0.63
N LEU B 111 14.87 0.57 -0.72
CA LEU B 111 15.75 0.30 -1.86
C LEU B 111 16.95 -0.49 -1.34
N LEU B 112 17.17 -1.69 -1.88
CA LEU B 112 18.16 -2.63 -1.35
C LEU B 112 19.39 -2.81 -2.24
N SER B 113 20.56 -2.75 -1.60
CA SER B 113 21.82 -3.27 -2.14
C SER B 113 22.43 -4.17 -1.08
N PRO B 114 23.38 -5.03 -1.46
CA PRO B 114 24.04 -5.92 -0.49
C PRO B 114 24.60 -5.25 0.78
N TYR B 115 25.20 -4.08 0.65
CA TYR B 115 25.80 -3.40 1.79
C TYR B 115 25.13 -2.08 2.15
N SER B 116 23.95 -1.82 1.59
CA SER B 116 23.28 -0.54 1.77
C SER B 116 21.78 -0.68 1.60
N TYR B 117 21.01 0.10 2.35
CA TYR B 117 19.61 0.28 2.03
C TYR B 117 19.14 1.69 2.36
N SER B 118 18.11 2.11 1.63
CA SER B 118 17.44 3.37 1.85
C SER B 118 15.98 3.05 2.16
N THR B 119 15.37 3.83 3.05
CA THR B 119 13.97 3.67 3.36
C THR B 119 13.30 5.04 3.50
N THR B 120 12.12 5.15 2.91
CA THR B 120 11.30 6.36 2.95
C THR B 120 9.89 6.03 3.39
N ALA B 121 9.26 6.96 4.12
CA ALA B 121 7.86 6.87 4.49
C ALA B 121 7.05 7.89 3.71
N VAL B 122 5.98 7.43 3.06
CA VAL B 122 4.99 8.31 2.48
C VAL B 122 3.75 8.21 3.36
N VAL B 123 3.30 9.35 3.90
CA VAL B 123 2.19 9.37 4.85
C VAL B 123 1.10 10.31 4.34
N SER B 124 -0.12 9.80 4.19
CA SER B 124 -1.23 10.59 3.64
C SER B 124 -2.50 10.46 4.47
N SER C 9 41.94 20.52 4.21
CA SER C 9 41.26 21.54 5.07
C SER C 9 41.14 22.89 4.36
N LYS C 10 42.11 23.21 3.50
CA LYS C 10 42.01 24.35 2.57
C LYS C 10 41.35 23.93 1.25
N PRO C 12 38.79 23.21 -1.42
CA PRO C 12 37.45 23.77 -1.64
C PRO C 12 36.42 22.89 -2.37
N LEU C 13 36.88 21.83 -3.04
CA LEU C 13 35.98 20.94 -3.78
C LEU C 13 36.49 19.52 -3.71
N MET C 14 35.80 18.69 -2.92
CA MET C 14 36.18 17.30 -2.72
C MET C 14 35.07 16.38 -3.23
N VAL C 15 35.46 15.17 -3.64
CA VAL C 15 34.52 14.16 -4.09
C VAL C 15 34.79 12.88 -3.32
N LYS C 16 33.72 12.24 -2.85
CA LYS C 16 33.80 11.00 -2.08
C LYS C 16 32.78 10.01 -2.60
N VAL C 17 33.23 8.80 -2.96
CA VAL C 17 32.33 7.84 -3.59
C VAL C 17 32.43 6.48 -2.92
N LEU C 18 31.28 5.88 -2.62
CA LEU C 18 31.19 4.54 -2.03
C LEU C 18 30.48 3.55 -2.97
N ASP C 19 30.80 2.27 -2.81
CA ASP C 19 30.23 1.19 -3.60
C ASP C 19 29.29 0.40 -2.67
N ALA C 20 28.00 0.45 -2.98
CA ALA C 20 26.98 -0.24 -2.18
C ALA C 20 26.88 -1.76 -2.42
N VAL C 21 27.51 -2.26 -3.47
CA VAL C 21 27.51 -3.70 -3.76
C VAL C 21 28.65 -4.42 -3.03
N ARG C 22 29.82 -3.80 -3.05
CA ARG C 22 31.01 -4.35 -2.43
C ARG C 22 31.19 -3.93 -0.98
N GLY C 23 30.51 -2.86 -0.55
CA GLY C 23 30.70 -2.35 0.81
C GLY C 23 32.10 -1.80 1.01
N SER C 24 32.51 -0.93 0.07
CA SER C 24 33.89 -0.46 -0.03
C SER C 24 33.91 0.93 -0.62
N PRO C 25 35.05 1.64 -0.52
CA PRO C 25 35.19 2.84 -1.33
C PRO C 25 35.15 2.50 -2.81
N ALA C 26 34.63 3.42 -3.64
CA ALA C 26 34.70 3.27 -5.08
C ALA C 26 36.01 3.88 -5.55
N VAL C 27 36.96 2.99 -5.89
CA VAL C 27 38.34 3.36 -6.25
C VAL C 27 38.47 3.58 -7.76
N ASP C 28 39.26 4.58 -8.12
CA ASP C 28 39.56 4.91 -9.53
C ASP C 28 38.31 5.25 -10.35
N VAL C 29 37.33 5.90 -9.72
CA VAL C 29 36.21 6.52 -10.43
C VAL C 29 36.76 7.79 -11.10
N ALA C 30 36.60 7.89 -12.42
CA ALA C 30 37.03 9.08 -13.15
C ALA C 30 36.06 10.25 -12.93
N VAL C 31 36.62 11.39 -12.54
CA VAL C 31 35.84 12.59 -12.22
C VAL C 31 36.27 13.72 -13.14
N LYS C 32 35.29 14.37 -13.75
CA LYS C 32 35.52 15.53 -14.61
C LYS C 32 34.67 16.68 -14.09
N VAL C 33 35.27 17.84 -13.92
CA VAL C 33 34.54 19.04 -13.47
C VAL C 33 34.56 20.06 -14.60
N PHE C 34 33.41 20.68 -14.84
CA PHE C 34 33.24 21.72 -15.83
C PHE C 34 32.66 22.95 -15.17
N LYS C 35 32.95 24.12 -15.74
CA LYS C 35 32.36 25.38 -15.29
C LYS C 35 31.61 26.02 -16.43
N LYS C 36 30.44 26.58 -16.12
CA LYS C 36 29.62 27.23 -17.12
C LYS C 36 30.15 28.64 -17.41
N THR C 37 30.03 29.05 -18.66
CA THR C 37 30.48 30.36 -19.13
C THR C 37 29.28 31.27 -19.37
N SER C 38 29.57 32.54 -19.66
CA SER C 38 28.55 33.55 -20.00
C SER C 38 27.67 33.09 -21.15
N GLU C 39 28.30 32.52 -22.18
CA GLU C 39 27.59 32.03 -23.37
C GLU C 39 26.75 30.78 -23.11
N GLY C 40 27.05 30.08 -22.01
CA GLY C 40 26.27 28.92 -21.58
C GLY C 40 26.86 27.59 -21.99
N SER C 41 28.19 27.51 -22.09
CA SER C 41 28.88 26.29 -22.50
C SER C 41 29.63 25.69 -21.31
N TRP C 42 29.91 24.39 -21.40
CA TRP C 42 30.72 23.71 -20.40
C TRP C 42 32.19 23.69 -20.83
N GLU C 43 33.02 24.47 -20.15
CA GLU C 43 34.49 24.41 -20.34
C GLU C 43 35.10 23.53 -19.24
N PRO C 44 36.13 22.72 -19.59
CA PRO C 44 36.78 21.93 -18.55
C PRO C 44 37.39 22.78 -17.44
N PHE C 45 37.26 22.32 -16.20
CA PHE C 45 37.74 23.07 -15.04
C PHE C 45 38.80 22.26 -14.30
N ALA C 46 38.51 21.00 -14.04
CA ALA C 46 39.42 20.11 -13.32
C ALA C 46 39.06 18.66 -13.62
N SER C 47 39.99 17.75 -13.31
CA SER C 47 39.74 16.32 -13.44
C SER C 47 40.67 15.49 -12.57
N GLY C 48 40.22 14.29 -12.23
CA GLY C 48 41.01 13.37 -11.43
C GLY C 48 40.31 12.03 -11.28
N LYS C 49 40.90 11.16 -10.46
CA LYS C 49 40.32 9.85 -10.16
C LYS C 49 40.34 9.64 -8.65
N THR C 50 39.33 8.95 -8.14
CA THR C 50 39.26 8.67 -6.71
C THR C 50 40.38 7.71 -6.30
N ALA C 51 40.94 7.96 -5.13
CA ALA C 51 42.00 7.14 -4.57
C ALA C 51 41.42 5.87 -3.94
N GLU C 52 42.26 5.12 -3.23
CA GLU C 52 41.84 3.90 -2.54
C GLU C 52 40.84 4.20 -1.43
N SER C 53 40.87 5.43 -0.92
CA SER C 53 39.90 5.90 0.06
C SER C 53 38.51 6.16 -0.52
N GLY C 54 38.42 6.20 -1.86
CA GLY C 54 37.20 6.60 -2.55
C GLY C 54 37.08 8.11 -2.68
N GLU C 55 38.08 8.84 -2.19
CA GLU C 55 38.06 10.30 -2.17
C GLU C 55 38.98 10.89 -3.22
N LEU C 56 38.59 12.07 -3.74
CA LEU C 56 39.41 12.82 -4.68
C LEU C 56 39.65 14.22 -4.12
N HIS C 57 40.91 14.53 -3.84
CA HIS C 57 41.31 15.83 -3.31
C HIS C 57 42.17 16.57 -4.32
N GLY C 58 42.33 17.88 -4.12
CA GLY C 58 43.24 18.70 -4.92
C GLY C 58 42.76 19.03 -6.33
N LEU C 59 41.46 19.03 -6.54
CA LEU C 59 40.89 19.39 -7.85
C LEU C 59 41.15 20.86 -8.20
N THR C 60 41.11 21.73 -7.20
CA THR C 60 41.22 23.17 -7.41
C THR C 60 41.66 23.88 -6.12
N THR C 61 41.66 25.22 -6.18
CA THR C 61 42.01 26.07 -5.04
C THR C 61 40.94 27.15 -4.89
N ASP C 62 40.94 27.82 -3.74
CA ASP C 62 39.95 28.88 -3.46
C ASP C 62 40.00 30.01 -4.48
N GLU C 63 41.21 30.38 -4.90
CA GLU C 63 41.41 31.46 -5.86
C GLU C 63 40.88 31.10 -7.25
N LYS C 64 41.06 29.85 -7.65
CA LYS C 64 40.60 29.37 -8.95
C LYS C 64 39.11 28.98 -8.93
N PHE C 65 38.62 28.52 -7.78
CA PHE C 65 37.22 28.09 -7.62
C PHE C 65 36.34 29.32 -7.42
N VAL C 66 36.13 30.06 -8.51
CA VAL C 66 35.38 31.31 -8.50
C VAL C 66 33.86 31.07 -8.62
N GLU C 67 33.09 32.14 -8.41
CA GLU C 67 31.64 32.09 -8.55
C GLU C 67 31.23 31.60 -9.94
N GLY C 68 30.27 30.69 -9.98
CA GLY C 68 29.79 30.14 -11.25
C GLY C 68 28.95 28.88 -11.07
N VAL C 69 28.46 28.37 -12.19
CA VAL C 69 27.72 27.13 -12.23
C VAL C 69 28.68 26.03 -12.63
N TYR C 70 28.78 24.99 -11.80
CA TYR C 70 29.70 23.89 -12.01
C TYR C 70 28.99 22.57 -12.26
N ARG C 71 29.69 21.68 -12.95
CA ARG C 71 29.19 20.34 -13.26
CA ARG C 71 29.19 20.34 -13.23
C ARG C 71 30.26 19.31 -12.88
N VAL C 72 29.93 18.45 -11.94
CA VAL C 72 30.83 17.37 -11.50
C VAL C 72 30.27 16.07 -12.04
N GLU C 73 31.05 15.41 -12.90
CA GLU C 73 30.64 14.16 -13.57
CA GLU C 73 30.61 14.16 -13.54
C GLU C 73 31.48 12.99 -13.09
N LEU C 74 30.81 11.97 -12.54
CA LEU C 74 31.45 10.73 -12.16
C LEU C 74 31.21 9.69 -13.27
N ASP C 75 32.28 9.10 -13.80
CA ASP C 75 32.15 8.07 -14.84
C ASP C 75 31.80 6.73 -14.21
N THR C 76 30.54 6.59 -13.83
CA THR C 76 30.07 5.40 -13.14
C THR C 76 30.01 4.19 -14.10
N LYS C 77 29.78 4.44 -15.40
CA LYS C 77 29.68 3.38 -16.40
C LYS C 77 31.00 2.60 -16.53
N SER C 78 32.11 3.31 -16.68
CA SER C 78 33.43 2.68 -16.72
C SER C 78 33.73 1.93 -15.43
N TYR C 79 33.35 2.53 -14.29
CA TYR C 79 33.57 1.92 -12.99
C TYR C 79 32.94 0.51 -12.91
N TRP C 80 31.66 0.43 -13.20
CA TRP C 80 30.94 -0.84 -13.16
C TRP C 80 31.45 -1.83 -14.20
N LYS C 81 31.75 -1.35 -15.40
CA LYS C 81 32.27 -2.23 -16.47
C LYS C 81 33.59 -2.91 -16.07
N THR C 82 34.46 -2.16 -15.40
CA THR C 82 35.74 -2.71 -14.91
C THR C 82 35.53 -3.88 -13.92
N LEU C 83 34.43 -3.83 -13.18
CA LEU C 83 34.05 -4.90 -12.24
C LEU C 83 33.21 -6.02 -12.88
N GLY C 84 33.10 -6.03 -14.21
CA GLY C 84 32.32 -7.04 -14.93
C GLY C 84 30.82 -6.86 -14.87
N ILE C 85 30.35 -5.65 -14.54
CA ILE C 85 28.91 -5.37 -14.37
C ILE C 85 28.42 -4.40 -15.43
N SER C 86 27.25 -4.70 -16.02
CA SER C 86 26.60 -3.83 -16.99
C SER C 86 25.65 -2.85 -16.27
N PRO C 87 26.05 -1.58 -16.13
CA PRO C 87 25.26 -0.64 -15.31
C PRO C 87 24.17 0.06 -16.11
N PHE C 88 23.26 0.72 -15.40
CA PHE C 88 22.15 1.42 -16.05
C PHE C 88 22.56 2.79 -16.62
N HIS C 89 23.25 3.59 -15.82
CA HIS C 89 23.47 4.99 -16.18
C HIS C 89 24.72 5.19 -17.04
N GLU C 90 24.67 6.22 -17.87
CA GLU C 90 25.82 6.64 -18.67
C GLU C 90 26.87 7.26 -17.79
N PHE C 91 26.41 7.92 -16.74
CA PHE C 91 27.25 8.57 -15.76
C PHE C 91 26.34 9.12 -14.65
N ALA C 92 26.96 9.74 -13.64
CA ALA C 92 26.22 10.48 -12.61
C ALA C 92 26.80 11.88 -12.52
N ASP C 93 25.99 12.89 -12.79
CA ASP C 93 26.47 14.25 -12.69
C ASP C 93 25.67 15.08 -11.69
N VAL C 94 26.34 16.08 -11.15
CA VAL C 94 25.80 16.96 -10.13
C VAL C 94 26.06 18.36 -10.65
N VAL C 95 25.00 19.14 -10.80
CA VAL C 95 25.10 20.50 -11.30
C VAL C 95 24.59 21.48 -10.25
N PHE C 96 25.38 22.51 -9.96
CA PHE C 96 25.09 23.43 -8.86
C PHE C 96 25.82 24.77 -9.02
N THR C 97 25.26 25.80 -8.42
CA THR C 97 25.93 27.09 -8.35
C THR C 97 26.83 27.13 -7.11
N ALA C 98 28.06 27.59 -7.30
CA ALA C 98 29.06 27.66 -6.23
C ALA C 98 29.51 29.09 -5.97
N ASN C 99 29.73 29.39 -4.70
CA ASN C 99 30.34 30.66 -4.27
C ASN C 99 29.57 31.92 -4.67
N ASP C 100 28.24 31.79 -4.79
N ASP C 100 28.24 31.77 -4.83
CA ASP C 100 27.40 32.93 -5.16
CA ASP C 100 27.33 32.88 -5.12
C ASP C 100 27.16 33.86 -3.98
C ASP C 100 27.32 33.84 -3.94
N SER C 101 26.99 33.29 -2.79
CA SER C 101 26.84 34.06 -1.57
C SER C 101 27.96 33.71 -0.59
N GLY C 102 29.13 34.32 -0.82
CA GLY C 102 30.32 34.03 -0.03
C GLY C 102 31.03 32.78 -0.54
N HIS C 103 32.34 32.73 -0.30
CA HIS C 103 33.18 31.63 -0.75
C HIS C 103 33.09 30.45 0.23
N ARG C 104 32.78 29.26 -0.28
CA ARG C 104 32.56 28.09 0.57
C ARG C 104 33.36 26.87 0.08
N HIS C 105 33.43 25.86 0.94
CA HIS C 105 34.00 24.56 0.60
C HIS C 105 32.89 23.54 0.38
N TYR C 106 33.04 22.74 -0.67
CA TYR C 106 32.02 21.80 -1.13
C TYR C 106 32.55 20.36 -1.13
N THR C 107 31.73 19.44 -0.63
CA THR C 107 31.98 18.01 -0.80
C THR C 107 30.80 17.42 -1.53
N ILE C 108 31.09 16.75 -2.64
CA ILE C 108 30.09 15.98 -3.37
C ILE C 108 30.31 14.52 -3.01
N ALA C 109 29.38 13.95 -2.25
CA ALA C 109 29.41 12.54 -1.87
C ALA C 109 28.44 11.72 -2.73
N ALA C 110 28.84 10.52 -3.15
CA ALA C 110 27.95 9.65 -3.93
C ALA C 110 28.03 8.20 -3.46
N LEU C 111 26.89 7.52 -3.57
CA LEU C 111 26.77 6.11 -3.23
C LEU C 111 26.25 5.40 -4.49
N LEU C 112 27.00 4.42 -4.98
CA LEU C 112 26.73 3.78 -6.26
C LEU C 112 26.24 2.33 -6.16
N SER C 113 25.19 2.04 -6.91
CA SER C 113 24.77 0.70 -7.24
C SER C 113 24.57 0.62 -8.75
N PRO C 114 24.57 -0.59 -9.31
CA PRO C 114 24.38 -0.72 -10.76
C PRO C 114 23.16 0.01 -11.38
N TYR C 115 22.01 -0.01 -10.72
CA TYR C 115 20.80 0.65 -11.24
C TYR C 115 20.34 1.84 -10.40
N SER C 116 21.21 2.33 -9.51
CA SER C 116 20.83 3.36 -8.57
C SER C 116 22.03 4.17 -8.06
N TYR C 117 21.82 5.45 -7.81
CA TYR C 117 22.81 6.21 -7.04
C TYR C 117 22.14 7.28 -6.19
N SER C 118 22.83 7.64 -5.13
CA SER C 118 22.43 8.77 -4.31
C SER C 118 23.59 9.76 -4.29
N THR C 119 23.28 11.05 -4.22
CA THR C 119 24.33 12.06 -4.12
C THR C 119 23.91 13.10 -3.10
N THR C 120 24.87 13.55 -2.31
CA THR C 120 24.66 14.57 -1.30
C THR C 120 25.77 15.61 -1.39
N ALA C 121 25.41 16.85 -1.08
CA ALA C 121 26.34 17.97 -1.02
C ALA C 121 26.54 18.36 0.43
N VAL C 122 27.80 18.49 0.85
CA VAL C 122 28.13 19.05 2.16
C VAL C 122 28.81 20.39 1.91
N VAL C 123 28.22 21.47 2.42
CA VAL C 123 28.72 22.81 2.23
C VAL C 123 29.13 23.42 3.58
N SER C 124 30.32 24.02 3.63
CA SER C 124 30.90 24.54 4.88
C SER C 124 31.65 25.85 4.66
N ASN C 125 31.43 26.82 5.55
CA ASN C 125 32.05 28.14 5.44
C ASN C 125 33.40 28.14 6.14
N PRO D 12 6.22 3.04 -21.79
CA PRO D 12 7.63 2.65 -21.76
C PRO D 12 8.58 3.49 -20.89
N LEU D 13 8.13 4.65 -20.42
CA LEU D 13 8.97 5.54 -19.61
C LEU D 13 8.14 6.30 -18.59
N MET D 14 8.24 5.88 -17.33
CA MET D 14 7.52 6.50 -16.22
C MET D 14 8.52 7.17 -15.29
N VAL D 15 8.08 8.28 -14.69
CA VAL D 15 8.87 8.96 -13.67
C VAL D 15 8.06 8.99 -12.37
N LYS D 16 8.73 8.75 -11.24
CA LYS D 16 8.08 8.76 -9.94
C LYS D 16 8.95 9.52 -8.94
N VAL D 17 8.39 10.53 -8.28
CA VAL D 17 9.19 11.38 -7.41
C VAL D 17 8.57 11.50 -6.01
N LEU D 18 9.42 11.31 -5.00
CA LEU D 18 9.03 11.40 -3.58
C LEU D 18 9.81 12.53 -2.88
N ASP D 19 9.19 13.13 -1.87
CA ASP D 19 9.76 14.21 -1.07
C ASP D 19 10.11 13.64 0.32
N ALA D 20 11.41 13.59 0.63
CA ALA D 20 11.92 13.03 1.89
C ALA D 20 11.77 13.96 3.11
N VAL D 21 11.43 15.23 2.87
CA VAL D 21 11.23 16.20 3.93
C VAL D 21 9.80 16.18 4.44
N ARG D 22 8.85 16.02 3.52
CA ARG D 22 7.43 16.07 3.85
C ARG D 22 6.83 14.67 4.00
N GLY D 23 7.51 13.66 3.46
CA GLY D 23 7.00 12.29 3.51
C GLY D 23 5.80 12.15 2.62
N SER D 24 5.95 12.54 1.36
CA SER D 24 4.82 12.66 0.46
C SER D 24 5.28 12.56 -0.98
N PRO D 25 4.34 12.38 -1.91
CA PRO D 25 4.71 12.55 -3.32
C PRO D 25 5.26 13.94 -3.57
N ALA D 26 6.23 14.05 -4.47
CA ALA D 26 6.71 15.34 -4.94
C ALA D 26 5.85 15.75 -6.13
N VAL D 27 4.95 16.71 -5.89
CA VAL D 27 3.93 17.12 -6.85
C VAL D 27 4.36 18.33 -7.68
N ASP D 28 4.00 18.30 -8.96
CA ASP D 28 4.26 19.40 -9.89
C ASP D 28 5.75 19.59 -10.19
N VAL D 29 6.51 18.49 -10.17
CA VAL D 29 7.91 18.52 -10.57
C VAL D 29 7.95 18.52 -12.10
N ALA D 30 8.54 19.57 -12.67
CA ALA D 30 8.69 19.68 -14.12
C ALA D 30 9.79 18.72 -14.60
N VAL D 31 9.47 17.96 -15.64
CA VAL D 31 10.37 16.95 -16.18
C VAL D 31 10.60 17.26 -17.66
N LYS D 32 11.86 17.34 -18.07
CA LYS D 32 12.22 17.44 -19.49
C LYS D 32 13.04 16.22 -19.89
N VAL D 33 12.72 15.66 -21.05
CA VAL D 33 13.47 14.52 -21.59
C VAL D 33 14.14 14.92 -22.89
N PHE D 34 15.40 14.54 -23.04
CA PHE D 34 16.18 14.81 -24.23
C PHE D 34 16.70 13.51 -24.79
N LYS D 35 16.91 13.50 -26.10
CA LYS D 35 17.51 12.37 -26.80
C LYS D 35 18.75 12.88 -27.50
N LYS D 36 19.85 12.12 -27.37
CA LYS D 36 21.10 12.47 -28.01
C LYS D 36 20.96 12.23 -29.51
N THR D 37 21.45 13.18 -30.31
CA THR D 37 21.42 13.06 -31.76
C THR D 37 22.68 12.31 -32.20
N SER D 38 22.74 11.93 -33.48
CA SER D 38 23.94 11.31 -34.05
C SER D 38 25.14 12.25 -33.96
N GLU D 39 24.85 13.56 -34.05
CA GLU D 39 25.88 14.60 -34.01
C GLU D 39 26.42 14.83 -32.60
N GLY D 40 25.72 14.34 -31.59
CA GLY D 40 26.20 14.34 -30.21
C GLY D 40 25.55 15.37 -29.30
N SER D 41 24.56 16.10 -29.81
CA SER D 41 23.86 17.10 -29.02
C SER D 41 22.55 16.55 -28.46
N TRP D 42 22.06 17.20 -27.39
CA TRP D 42 20.75 16.89 -26.83
C TRP D 42 19.66 17.65 -27.56
N GLU D 43 18.66 16.93 -28.07
CA GLU D 43 17.48 17.58 -28.61
C GLU D 43 16.26 17.25 -27.75
N PRO D 44 15.32 18.20 -27.62
CA PRO D 44 14.11 17.92 -26.83
C PRO D 44 13.34 16.71 -27.36
N PHE D 45 12.84 15.90 -26.44
CA PHE D 45 12.13 14.66 -26.79
C PHE D 45 10.72 14.60 -26.19
N ALA D 46 10.58 14.99 -24.93
CA ALA D 46 9.29 14.97 -24.25
C ALA D 46 9.36 15.78 -22.96
N SER D 47 8.19 16.11 -22.41
CA SER D 47 8.13 16.85 -21.15
C SER D 47 6.77 16.72 -20.46
N GLY D 48 6.75 17.02 -19.18
CA GLY D 48 5.51 17.07 -18.41
C GLY D 48 5.76 17.42 -16.95
N LYS D 49 4.77 17.21 -16.11
CA LYS D 49 4.86 17.55 -14.69
C LYS D 49 4.30 16.39 -13.88
N THR D 50 4.91 16.10 -12.73
CA THR D 50 4.40 15.03 -11.90
C THR D 50 3.01 15.40 -11.36
N ALA D 51 2.13 14.40 -11.29
CA ALA D 51 0.79 14.58 -10.78
C ALA D 51 0.78 14.56 -9.25
N GLU D 52 -0.41 14.59 -8.66
CA GLU D 52 -0.55 14.57 -7.20
C GLU D 52 0.04 13.29 -6.60
N SER D 53 0.08 12.24 -7.42
CA SER D 53 0.69 10.95 -7.05
C SER D 53 2.22 11.00 -7.02
N GLY D 54 2.80 12.09 -7.50
CA GLY D 54 4.24 12.19 -7.67
C GLY D 54 4.72 11.49 -8.93
N GLU D 55 3.79 11.00 -9.74
CA GLU D 55 4.11 10.26 -10.95
C GLU D 55 3.76 11.03 -12.22
N LEU D 56 4.50 10.76 -13.28
CA LEU D 56 4.27 11.32 -14.60
C LEU D 56 4.25 10.19 -15.61
N HIS D 57 3.09 9.99 -16.24
CA HIS D 57 2.87 8.98 -17.27
C HIS D 57 2.67 9.65 -18.64
N GLY D 58 2.75 8.84 -19.70
CA GLY D 58 2.45 9.31 -21.05
C GLY D 58 3.48 10.23 -21.67
N LEU D 59 4.74 10.13 -21.24
CA LEU D 59 5.82 10.92 -21.86
C LEU D 59 6.02 10.54 -23.33
N THR D 60 5.96 9.24 -23.62
CA THR D 60 6.23 8.71 -24.96
C THR D 60 5.51 7.38 -25.18
N THR D 61 5.73 6.78 -26.35
CA THR D 61 5.17 5.46 -26.67
C THR D 61 6.29 4.48 -27.00
N ASP D 62 5.98 3.19 -26.95
CA ASP D 62 6.94 2.13 -27.29
C ASP D 62 7.57 2.33 -28.67
N GLU D 63 6.79 2.80 -29.63
CA GLU D 63 7.28 3.01 -30.99
C GLU D 63 8.21 4.24 -31.08
N LYS D 64 7.78 5.33 -30.46
CA LYS D 64 8.55 6.58 -30.46
C LYS D 64 9.80 6.51 -29.58
N PHE D 65 9.75 5.69 -28.52
CA PHE D 65 10.89 5.53 -27.61
C PHE D 65 11.89 4.57 -28.23
N VAL D 66 12.61 5.08 -29.24
CA VAL D 66 13.57 4.27 -30.00
C VAL D 66 14.89 4.12 -29.23
N GLU D 67 15.76 3.24 -29.73
CA GLU D 67 17.10 3.07 -29.18
C GLU D 67 17.87 4.39 -29.22
N GLY D 68 18.53 4.73 -28.11
CA GLY D 68 19.33 5.95 -28.04
C GLY D 68 19.77 6.26 -26.62
N VAL D 69 20.45 7.39 -26.46
CA VAL D 69 20.88 7.85 -25.14
C VAL D 69 19.96 8.99 -24.72
N TYR D 70 19.34 8.83 -23.55
CA TYR D 70 18.34 9.76 -23.04
C TYR D 70 18.79 10.46 -21.75
N ARG D 71 18.30 11.68 -21.57
CA ARG D 71 18.59 12.51 -20.44
C ARG D 71 17.26 12.97 -19.88
N VAL D 72 16.94 12.52 -18.67
CA VAL D 72 15.72 12.93 -17.98
C VAL D 72 16.09 13.93 -16.89
N GLU D 73 15.62 15.16 -17.06
CA GLU D 73 15.94 16.26 -16.16
C GLU D 73 14.73 16.68 -15.30
N LEU D 74 14.86 16.51 -13.97
CA LEU D 74 13.87 16.99 -13.02
C LEU D 74 14.27 18.38 -12.54
N ASP D 75 13.34 19.33 -12.63
CA ASP D 75 13.59 20.70 -12.16
C ASP D 75 13.41 20.75 -10.64
N THR D 76 14.40 20.23 -9.93
CA THR D 76 14.36 20.16 -8.48
C THR D 76 14.44 21.54 -7.83
N LYS D 77 15.15 22.47 -8.47
CA LYS D 77 15.33 23.82 -7.92
C LYS D 77 13.99 24.57 -7.81
N SER D 78 13.21 24.53 -8.88
CA SER D 78 11.88 25.15 -8.87
C SER D 78 10.97 24.47 -7.85
N TYR D 79 11.07 23.16 -7.75
CA TYR D 79 10.27 22.40 -6.77
C TYR D 79 10.47 22.91 -5.33
N TRP D 80 11.73 23.04 -4.92
CA TRP D 80 12.06 23.45 -3.55
C TRP D 80 11.75 24.91 -3.30
N LYS D 81 12.06 25.77 -4.28
CA LYS D 81 11.80 27.20 -4.18
C LYS D 81 10.32 27.49 -4.03
N THR D 82 9.48 26.70 -4.68
CA THR D 82 8.03 26.84 -4.55
C THR D 82 7.59 26.57 -3.09
N LEU D 83 8.29 25.66 -2.42
CA LEU D 83 8.02 25.34 -1.01
C LEU D 83 8.80 26.23 -0.01
N GLY D 84 9.41 27.30 -0.48
CA GLY D 84 10.13 28.23 0.39
C GLY D 84 11.47 27.73 0.88
N ILE D 85 12.09 26.84 0.10
CA ILE D 85 13.36 26.22 0.46
C ILE D 85 14.38 26.49 -0.64
N SER D 86 15.57 26.95 -0.25
CA SER D 86 16.66 27.19 -1.19
C SER D 86 17.51 25.91 -1.30
N PRO D 87 17.46 25.22 -2.46
CA PRO D 87 18.09 23.91 -2.61
C PRO D 87 19.52 24.02 -3.17
N PHE D 88 20.26 22.93 -3.12
CA PHE D 88 21.64 22.92 -3.59
C PHE D 88 21.75 22.80 -5.11
N HIS D 89 21.05 21.83 -5.70
CA HIS D 89 21.24 21.49 -7.11
C HIS D 89 20.45 22.40 -8.05
N GLU D 90 21.00 22.63 -9.25
CA GLU D 90 20.26 23.33 -10.31
C GLU D 90 19.10 22.48 -10.82
N PHE D 91 19.34 21.17 -10.87
CA PHE D 91 18.37 20.18 -11.33
C PHE D 91 18.93 18.81 -10.98
N ALA D 92 18.20 17.76 -11.32
CA ALA D 92 18.70 16.39 -11.22
C ALA D 92 18.56 15.69 -12.58
N ASP D 93 19.69 15.41 -13.23
CA ASP D 93 19.71 14.70 -14.52
C ASP D 93 19.93 13.21 -14.29
N VAL D 94 19.21 12.40 -15.07
CA VAL D 94 19.38 10.96 -15.12
C VAL D 94 19.63 10.61 -16.60
N VAL D 95 20.83 10.11 -16.90
CA VAL D 95 21.25 9.85 -18.29
C VAL D 95 21.57 8.35 -18.50
N PHE D 96 20.98 7.76 -19.53
CA PHE D 96 21.05 6.32 -19.76
C PHE D 96 20.72 5.95 -21.21
N THR D 97 21.24 4.80 -21.63
CA THR D 97 20.89 4.19 -22.90
C THR D 97 19.64 3.33 -22.71
N ALA D 98 18.67 3.49 -23.61
CA ALA D 98 17.41 2.78 -23.53
C ALA D 98 17.22 1.97 -24.82
N ASN D 99 16.65 0.78 -24.66
CA ASN D 99 16.25 -0.08 -25.79
C ASN D 99 17.39 -0.52 -26.73
N ASP D 100 18.59 -0.64 -26.17
CA ASP D 100 19.77 -1.10 -26.89
C ASP D 100 19.84 -2.63 -26.93
N SER D 101 19.28 -3.28 -25.91
CA SER D 101 19.25 -4.74 -25.82
C SER D 101 17.82 -5.24 -25.55
N GLY D 102 17.01 -5.28 -26.60
CA GLY D 102 15.61 -5.65 -26.46
C GLY D 102 14.75 -4.49 -25.99
N HIS D 103 13.45 -4.61 -26.22
CA HIS D 103 12.53 -3.53 -25.94
C HIS D 103 12.01 -3.64 -24.51
N ARG D 104 12.18 -2.57 -23.74
CA ARG D 104 11.90 -2.57 -22.31
C ARG D 104 11.00 -1.41 -21.89
N HIS D 105 10.40 -1.56 -20.72
CA HIS D 105 9.72 -0.47 -20.03
C HIS D 105 10.61 0.04 -18.90
N TYR D 106 10.75 1.35 -18.77
CA TYR D 106 11.61 1.95 -17.75
C TYR D 106 10.82 2.79 -16.76
N THR D 107 11.19 2.71 -15.48
CA THR D 107 10.74 3.65 -14.46
C THR D 107 11.95 4.31 -13.85
N ILE D 108 11.97 5.64 -13.90
CA ILE D 108 12.98 6.42 -13.22
C ILE D 108 12.33 6.95 -11.94
N ALA D 109 12.78 6.44 -10.79
CA ALA D 109 12.29 6.91 -9.49
C ALA D 109 13.32 7.87 -8.87
N ALA D 110 12.83 8.84 -8.09
CA ALA D 110 13.69 9.86 -7.49
C ALA D 110 13.21 10.19 -6.09
N LEU D 111 14.15 10.40 -5.18
CA LEU D 111 13.84 10.78 -3.81
C LEU D 111 14.60 12.06 -3.49
N LEU D 112 13.86 13.11 -3.16
CA LEU D 112 14.43 14.46 -3.09
C LEU D 112 14.52 15.00 -1.67
N SER D 113 15.68 15.54 -1.34
CA SER D 113 15.88 16.41 -0.18
C SER D 113 16.57 17.67 -0.70
N PRO D 114 16.53 18.77 0.07
CA PRO D 114 17.16 20.00 -0.41
C PRO D 114 18.63 19.91 -0.86
N TYR D 115 19.48 19.15 -0.16
CA TYR D 115 20.89 19.01 -0.51
C TYR D 115 21.28 17.60 -0.97
N SER D 116 20.30 16.78 -1.32
CA SER D 116 20.55 15.37 -1.65
C SER D 116 19.42 14.81 -2.51
N TYR D 117 19.77 13.92 -3.43
CA TYR D 117 18.74 13.08 -4.04
C TYR D 117 19.29 11.71 -4.35
N SER D 118 18.37 10.76 -4.46
CA SER D 118 18.64 9.39 -4.85
C SER D 118 17.77 9.09 -6.07
N THR D 119 18.31 8.31 -7.00
CA THR D 119 17.52 7.87 -8.16
C THR D 119 17.77 6.40 -8.41
N THR D 120 16.70 5.69 -8.80
CA THR D 120 16.78 4.28 -9.16
C THR D 120 16.05 4.06 -10.47
N ALA D 121 16.55 3.10 -11.25
CA ALA D 121 15.89 2.62 -12.46
C ALA D 121 15.26 1.25 -12.19
N VAL D 122 13.98 1.14 -12.52
CA VAL D 122 13.32 -0.16 -12.66
C VAL D 122 13.12 -0.44 -14.15
N VAL D 123 13.68 -1.56 -14.61
CA VAL D 123 13.65 -1.93 -16.01
C VAL D 123 12.98 -3.30 -16.13
N SER D 124 11.90 -3.39 -16.90
CA SER D 124 11.19 -4.66 -17.10
C SER D 124 10.99 -4.96 -18.59
N LYS E 10 2.44 -30.90 -27.97
CA LYS E 10 3.38 -31.80 -27.22
C LYS E 10 3.55 -31.36 -25.76
N PRO E 12 2.05 -31.60 -22.22
CA PRO E 12 1.14 -32.56 -21.60
C PRO E 12 0.30 -32.04 -20.42
N LEU E 13 0.76 -30.99 -19.77
CA LEU E 13 0.07 -30.44 -18.60
C LEU E 13 0.08 -28.91 -18.69
N MET E 14 -1.09 -28.35 -18.98
CA MET E 14 -1.26 -26.90 -19.09
C MET E 14 -2.23 -26.42 -18.01
N VAL E 15 -1.99 -25.23 -17.50
CA VAL E 15 -2.84 -24.62 -16.49
C VAL E 15 -3.34 -23.28 -17.05
N LYS E 16 -4.62 -22.99 -16.80
CA LYS E 16 -5.25 -21.76 -17.29
C LYS E 16 -6.12 -21.20 -16.16
N VAL E 17 -5.93 -19.92 -15.84
CA VAL E 17 -6.61 -19.30 -14.71
C VAL E 17 -7.24 -17.96 -15.09
N LEU E 18 -8.51 -17.79 -14.71
CA LEU E 18 -9.28 -16.57 -14.94
C LEU E 18 -9.75 -15.98 -13.62
N ASP E 19 -9.90 -14.66 -13.61
CA ASP E 19 -10.36 -13.89 -12.45
C ASP E 19 -11.79 -13.44 -12.71
N ALA E 20 -12.72 -13.94 -11.89
CA ALA E 20 -14.15 -13.69 -12.05
C ALA E 20 -14.64 -12.34 -11.49
N VAL E 21 -13.77 -11.65 -10.76
CA VAL E 21 -14.05 -10.31 -10.22
C VAL E 21 -13.67 -9.22 -11.22
N ARG E 22 -12.52 -9.39 -11.87
CA ARG E 22 -11.96 -8.40 -12.79
C ARG E 22 -12.31 -8.68 -14.25
N GLY E 23 -12.75 -9.91 -14.54
CA GLY E 23 -13.04 -10.33 -15.90
C GLY E 23 -11.78 -10.33 -16.75
N SER E 24 -10.74 -10.96 -16.22
CA SER E 24 -9.44 -10.96 -16.85
C SER E 24 -8.74 -12.29 -16.59
N PRO E 25 -7.64 -12.56 -17.33
CA PRO E 25 -6.76 -13.63 -16.89
C PRO E 25 -6.21 -13.37 -15.49
N ALA E 26 -5.99 -14.43 -14.71
CA ALA E 26 -5.34 -14.30 -13.41
C ALA E 26 -3.83 -14.44 -13.65
N VAL E 27 -3.13 -13.32 -13.53
CA VAL E 27 -1.71 -13.22 -13.86
C VAL E 27 -0.85 -13.38 -12.60
N ASP E 28 0.29 -14.04 -12.77
CA ASP E 28 1.26 -14.30 -11.69
C ASP E 28 0.67 -15.13 -10.54
N VAL E 29 -0.15 -16.11 -10.89
CA VAL E 29 -0.63 -17.08 -9.90
C VAL E 29 0.47 -18.13 -9.75
N ALA E 30 1.01 -18.28 -8.55
CA ALA E 30 2.06 -19.28 -8.31
C ALA E 30 1.44 -20.67 -8.42
N VAL E 31 2.02 -21.51 -9.27
CA VAL E 31 1.57 -22.88 -9.46
C VAL E 31 2.67 -23.85 -9.01
N LYS E 32 2.30 -24.81 -8.15
CA LYS E 32 3.20 -25.87 -7.72
C LYS E 32 2.57 -27.22 -8.04
N VAL E 33 3.32 -28.09 -8.70
CA VAL E 33 2.85 -29.45 -8.99
C VAL E 33 3.64 -30.48 -8.20
N PHE E 34 2.93 -31.45 -7.61
CA PHE E 34 3.52 -32.52 -6.83
C PHE E 34 3.14 -33.87 -7.41
N LYS E 35 3.99 -34.88 -7.17
CA LYS E 35 3.70 -36.25 -7.57
C LYS E 35 3.73 -37.15 -6.34
N LYS E 36 2.76 -38.05 -6.25
CA LYS E 36 2.61 -38.93 -5.10
C LYS E 36 3.62 -40.06 -5.16
N THR E 37 4.23 -40.37 -4.02
CA THR E 37 5.26 -41.41 -3.93
C THR E 37 4.69 -42.78 -3.61
N SER E 38 5.57 -43.77 -3.47
CA SER E 38 5.20 -45.13 -3.06
C SER E 38 4.48 -45.14 -1.70
N GLU E 39 5.03 -44.42 -0.73
CA GLU E 39 4.45 -44.33 0.61
C GLU E 39 3.20 -43.43 0.67
N GLY E 40 2.98 -42.61 -0.35
CA GLY E 40 1.84 -41.69 -0.39
C GLY E 40 2.21 -40.30 0.11
N SER E 41 3.43 -39.87 -0.20
CA SER E 41 3.93 -38.55 0.19
C SER E 41 3.99 -37.65 -1.06
N TRP E 42 3.83 -36.34 -0.86
CA TRP E 42 3.83 -35.38 -1.97
C TRP E 42 5.23 -34.79 -2.20
N GLU E 43 5.88 -35.25 -3.27
CA GLU E 43 7.21 -34.74 -3.64
C GLU E 43 7.13 -33.70 -4.77
N PRO E 44 7.99 -32.67 -4.72
CA PRO E 44 8.09 -31.69 -5.81
C PRO E 44 8.25 -32.34 -7.19
N PHE E 45 7.57 -31.77 -8.17
CA PHE E 45 7.58 -32.27 -9.55
C PHE E 45 7.83 -31.15 -10.57
N ALA E 46 7.06 -30.05 -10.45
CA ALA E 46 7.15 -28.91 -11.38
C ALA E 46 6.61 -27.63 -10.71
N SER E 47 6.99 -26.48 -11.23
CA SER E 47 6.49 -25.21 -10.69
C SER E 47 6.61 -24.07 -11.71
N GLY E 48 5.82 -23.02 -11.49
CA GLY E 48 5.83 -21.84 -12.35
C GLY E 48 4.80 -20.82 -11.91
N LYS E 49 4.61 -19.79 -12.72
CA LYS E 49 3.61 -18.75 -12.47
C LYS E 49 2.87 -18.44 -13.77
N THR E 50 1.58 -18.16 -13.68
CA THR E 50 0.77 -17.86 -14.86
C THR E 50 1.30 -16.59 -15.52
N ALA E 51 1.20 -16.53 -16.84
CA ALA E 51 1.65 -15.37 -17.60
C ALA E 51 0.52 -14.35 -17.72
N GLU E 52 0.74 -13.29 -18.51
CA GLU E 52 -0.29 -12.28 -18.76
C GLU E 52 -1.57 -12.85 -19.38
N SER E 53 -1.43 -13.95 -20.12
CA SER E 53 -2.57 -14.71 -20.64
C SER E 53 -3.36 -15.50 -19.57
N GLY E 54 -2.87 -15.56 -18.33
CA GLY E 54 -3.45 -16.43 -17.31
C GLY E 54 -3.02 -17.89 -17.45
N GLU E 55 -2.14 -18.17 -18.41
CA GLU E 55 -1.76 -19.56 -18.73
C GLU E 55 -0.32 -19.86 -18.34
N LEU E 56 -0.05 -21.15 -18.09
CA LEU E 56 1.28 -21.64 -17.76
C LEU E 56 1.59 -22.86 -18.63
N HIS E 57 2.65 -22.74 -19.43
CA HIS E 57 3.10 -23.80 -20.32
C HIS E 57 4.48 -24.27 -19.90
N GLY E 58 4.88 -25.45 -20.37
CA GLY E 58 6.23 -25.95 -20.17
C GLY E 58 6.53 -26.42 -18.76
N LEU E 59 5.49 -26.83 -18.02
CA LEU E 59 5.68 -27.40 -16.69
C LEU E 59 6.45 -28.72 -16.75
N THR E 60 6.11 -29.56 -17.71
CA THR E 60 6.73 -30.87 -17.84
C THR E 60 6.71 -31.33 -19.32
N THR E 61 7.19 -32.56 -19.54
CA THR E 61 7.25 -33.16 -20.87
C THR E 61 6.66 -34.58 -20.81
N ASP E 62 6.27 -35.12 -21.95
CA ASP E 62 5.73 -36.50 -22.03
C ASP E 62 6.60 -37.53 -21.31
N GLU E 63 7.91 -37.48 -21.53
CA GLU E 63 8.84 -38.43 -20.93
C GLU E 63 8.78 -38.37 -19.41
N LYS E 64 8.84 -37.16 -18.86
CA LYS E 64 8.83 -36.95 -17.41
C LYS E 64 7.43 -37.15 -16.78
N PHE E 65 6.39 -36.94 -17.56
CA PHE E 65 5.01 -36.98 -17.06
C PHE E 65 4.45 -38.40 -17.12
N VAL E 66 4.92 -39.24 -16.20
CA VAL E 66 4.57 -40.66 -16.18
C VAL E 66 3.21 -40.90 -15.52
N GLU E 67 2.77 -42.16 -15.53
CA GLU E 67 1.57 -42.58 -14.82
C GLU E 67 1.74 -42.33 -13.32
N GLY E 68 0.76 -41.66 -12.72
CA GLY E 68 0.78 -41.42 -11.29
C GLY E 68 -0.35 -40.54 -10.84
N VAL E 69 -0.33 -40.17 -9.56
CA VAL E 69 -1.34 -39.29 -8.99
C VAL E 69 -0.68 -37.93 -8.76
N TYR E 70 -1.22 -36.91 -9.44
CA TYR E 70 -0.61 -35.58 -9.41
C TYR E 70 -1.50 -34.60 -8.65
N ARG E 71 -0.84 -33.65 -7.98
CA ARG E 71 -1.50 -32.57 -7.28
C ARG E 71 -1.01 -31.23 -7.85
N VAL E 72 -1.95 -30.46 -8.39
CA VAL E 72 -1.68 -29.12 -8.90
C VAL E 72 -2.25 -28.11 -7.91
N GLU E 73 -1.39 -27.31 -7.27
CA GLU E 73 -1.80 -26.30 -6.30
C GLU E 73 -1.62 -24.87 -6.84
N LEU E 74 -2.70 -24.09 -6.79
CA LEU E 74 -2.68 -22.68 -7.17
C LEU E 74 -2.68 -21.81 -5.92
N ASP E 75 -1.69 -20.94 -5.80
CA ASP E 75 -1.61 -20.07 -4.62
C ASP E 75 -2.58 -18.90 -4.81
N THR E 76 -3.86 -19.19 -4.55
CA THR E 76 -4.95 -18.24 -4.76
C THR E 76 -4.93 -17.15 -3.68
N LYS E 77 -4.50 -17.50 -2.47
CA LYS E 77 -4.45 -16.53 -1.37
C LYS E 77 -3.51 -15.37 -1.66
N SER E 78 -2.30 -15.69 -2.10
CA SER E 78 -1.33 -14.66 -2.45
C SER E 78 -1.87 -13.80 -3.59
N TYR E 79 -2.50 -14.43 -4.56
CA TYR E 79 -3.08 -13.73 -5.69
C TYR E 79 -4.09 -12.66 -5.23
N TRP E 80 -5.09 -13.05 -4.44
CA TRP E 80 -6.08 -12.07 -3.96
C TRP E 80 -5.46 -10.95 -3.11
N LYS E 81 -4.47 -11.30 -2.28
CA LYS E 81 -3.82 -10.31 -1.42
C LYS E 81 -3.10 -9.20 -2.21
N THR E 82 -2.52 -9.54 -3.36
CA THR E 82 -1.93 -8.52 -4.25
C THR E 82 -2.96 -7.47 -4.66
N LEU E 83 -4.23 -7.88 -4.75
CA LEU E 83 -5.32 -6.98 -5.14
C LEU E 83 -6.01 -6.31 -3.95
N GLY E 84 -5.44 -6.46 -2.75
CA GLY E 84 -6.01 -5.87 -1.55
C GLY E 84 -7.30 -6.54 -1.13
N ILE E 85 -7.40 -7.84 -1.43
CA ILE E 85 -8.58 -8.66 -1.12
C ILE E 85 -8.14 -9.77 -0.19
N SER E 86 -8.90 -9.97 0.90
CA SER E 86 -8.62 -11.03 1.86
C SER E 86 -9.56 -12.21 1.54
N PRO E 87 -9.03 -13.29 0.93
CA PRO E 87 -9.86 -14.34 0.38
C PRO E 87 -10.17 -15.44 1.41
N PHE E 88 -10.98 -16.42 1.00
CA PHE E 88 -11.36 -17.50 1.90
C PHE E 88 -10.32 -18.62 1.94
N HIS E 89 -9.88 -19.06 0.77
CA HIS E 89 -9.09 -20.27 0.66
C HIS E 89 -7.61 -19.97 0.89
N GLU E 90 -6.91 -20.96 1.45
CA GLU E 90 -5.45 -20.92 1.53
C GLU E 90 -4.84 -21.11 0.16
N PHE E 91 -5.48 -21.99 -0.64
CA PHE E 91 -5.05 -22.30 -2.00
C PHE E 91 -6.12 -23.15 -2.68
N ALA E 92 -5.98 -23.38 -3.97
CA ALA E 92 -6.84 -24.32 -4.69
C ALA E 92 -6.00 -25.47 -5.25
N ASP E 93 -6.25 -26.70 -4.80
N ASP E 93 -6.30 -26.69 -4.81
CA ASP E 93 -5.58 -27.86 -5.39
CA ASP E 93 -5.68 -27.93 -5.28
C ASP E 93 -6.52 -28.78 -6.18
C ASP E 93 -6.55 -28.66 -6.29
N VAL E 94 -5.92 -29.44 -7.16
CA VAL E 94 -6.60 -30.33 -8.09
C VAL E 94 -5.79 -31.62 -8.09
N VAL E 95 -6.39 -32.71 -7.61
CA VAL E 95 -5.72 -34.01 -7.51
C VAL E 95 -6.37 -35.02 -8.45
N PHE E 96 -5.54 -35.72 -9.23
CA PHE E 96 -6.01 -36.63 -10.27
C PHE E 96 -4.95 -37.64 -10.68
N THR E 97 -5.42 -38.79 -11.16
CA THR E 97 -4.54 -39.78 -11.76
C THR E 97 -4.38 -39.43 -13.23
N ALA E 98 -3.13 -39.38 -13.68
CA ALA E 98 -2.82 -39.02 -15.06
C ALA E 98 -2.25 -40.25 -15.77
N ASN E 99 -2.59 -40.37 -17.06
CA ASN E 99 -2.03 -41.40 -17.93
C ASN E 99 -2.20 -42.82 -17.37
N ASP E 100 -3.36 -43.06 -16.75
CA ASP E 100 -3.70 -44.35 -16.16
C ASP E 100 -3.93 -45.45 -17.21
N SER E 101 -4.38 -45.06 -18.39
CA SER E 101 -4.64 -46.01 -19.49
C SER E 101 -4.25 -45.42 -20.84
N GLY E 102 -3.00 -45.00 -20.96
CA GLY E 102 -2.47 -44.43 -22.21
C GLY E 102 -2.21 -42.94 -22.07
N HIS E 103 -1.26 -42.44 -22.87
CA HIS E 103 -0.86 -41.04 -22.80
C HIS E 103 -1.99 -40.10 -23.24
N ARG E 104 -2.16 -39.04 -22.46
CA ARG E 104 -3.16 -38.01 -22.73
C ARG E 104 -2.53 -36.64 -22.42
N HIS E 105 -3.14 -35.59 -22.94
CA HIS E 105 -2.76 -34.22 -22.56
C HIS E 105 -3.85 -33.62 -21.67
N TYR E 106 -3.44 -32.86 -20.66
CA TYR E 106 -4.34 -32.33 -19.66
C TYR E 106 -4.25 -30.80 -19.57
N THR E 107 -5.41 -30.16 -19.54
CA THR E 107 -5.50 -28.75 -19.19
C THR E 107 -6.32 -28.63 -17.92
N ILE E 108 -5.72 -28.03 -16.89
CA ILE E 108 -6.41 -27.72 -15.65
C ILE E 108 -6.78 -26.25 -15.72
N ALA E 109 -8.07 -25.97 -15.87
CA ALA E 109 -8.61 -24.62 -15.90
C ALA E 109 -9.21 -24.30 -14.54
N ALA E 110 -9.02 -23.05 -14.08
CA ALA E 110 -9.60 -22.61 -12.81
C ALA E 110 -10.19 -21.20 -12.98
N LEU E 111 -11.30 -20.96 -12.30
CA LEU E 111 -12.00 -19.68 -12.30
C LEU E 111 -12.08 -19.24 -10.84
N LEU E 112 -11.48 -18.09 -10.54
CA LEU E 112 -11.30 -17.66 -9.16
C LEU E 112 -12.18 -16.48 -8.77
N SER E 113 -12.83 -16.61 -7.60
CA SER E 113 -13.43 -15.50 -6.85
C SER E 113 -12.90 -15.57 -5.41
N PRO E 114 -12.99 -14.47 -4.65
CA PRO E 114 -12.51 -14.48 -3.27
C PRO E 114 -13.04 -15.62 -2.36
N TYR E 115 -14.34 -15.92 -2.43
CA TYR E 115 -14.91 -17.00 -1.60
C TYR E 115 -15.33 -18.24 -2.39
N SER E 116 -14.83 -18.39 -3.61
CA SER E 116 -15.29 -19.45 -4.49
C SER E 116 -14.32 -19.70 -5.63
N TYR E 117 -14.23 -20.96 -6.04
CA TYR E 117 -13.55 -21.29 -7.30
C TYR E 117 -14.16 -22.51 -7.94
N SER E 118 -14.00 -22.59 -9.25
CA SER E 118 -14.36 -23.77 -10.01
C SER E 118 -13.12 -24.24 -10.76
N THR E 119 -13.03 -25.54 -10.97
CA THR E 119 -11.94 -26.11 -11.73
C THR E 119 -12.51 -27.17 -12.68
N THR E 120 -11.96 -27.20 -13.89
CA THR E 120 -12.39 -28.12 -14.93
C THR E 120 -11.15 -28.72 -15.57
N ALA E 121 -11.23 -29.99 -15.95
CA ALA E 121 -10.15 -30.65 -16.65
C ALA E 121 -10.58 -30.87 -18.09
N VAL E 122 -9.69 -30.54 -19.03
CA VAL E 122 -9.89 -30.90 -20.44
C VAL E 122 -8.83 -31.93 -20.77
N VAL E 123 -9.27 -33.12 -21.16
CA VAL E 123 -8.40 -34.25 -21.41
C VAL E 123 -8.54 -34.68 -22.86
N SER E 124 -7.42 -34.78 -23.56
CA SER E 124 -7.41 -35.16 -24.98
C SER E 124 -6.37 -36.23 -25.26
N ASN E 125 -6.58 -36.97 -26.35
CA ASN E 125 -5.65 -38.02 -26.77
C ASN E 125 -4.72 -37.52 -27.86
N LYS F 10 -7.36 -9.23 -33.87
CA LYS F 10 -8.36 -8.17 -34.23
C LYS F 10 -9.80 -8.67 -34.07
N PRO F 12 -13.03 -9.15 -32.00
CA PRO F 12 -13.62 -8.50 -30.83
C PRO F 12 -14.55 -9.35 -29.96
N LEU F 13 -15.09 -10.43 -30.51
CA LEU F 13 -16.04 -11.24 -29.77
C LEU F 13 -15.82 -12.72 -30.07
N MET F 14 -15.37 -13.44 -29.04
CA MET F 14 -15.09 -14.87 -29.11
C MET F 14 -15.97 -15.61 -28.12
N VAL F 15 -16.31 -16.85 -28.44
CA VAL F 15 -17.05 -17.75 -27.57
C VAL F 15 -16.26 -19.05 -27.40
N LYS F 16 -16.11 -19.50 -26.16
CA LYS F 16 -15.42 -20.75 -25.84
C LYS F 16 -16.33 -21.59 -24.96
N VAL F 17 -16.56 -22.84 -25.34
CA VAL F 17 -17.48 -23.70 -24.60
C VAL F 17 -16.81 -25.03 -24.24
N LEU F 18 -16.91 -25.41 -22.97
CA LEU F 18 -16.38 -26.67 -22.47
C LEU F 18 -17.51 -27.55 -21.93
N ASP F 19 -17.29 -28.86 -21.95
CA ASP F 19 -18.24 -29.88 -21.52
C ASP F 19 -17.72 -30.53 -20.22
N ALA F 20 -18.43 -30.28 -19.12
CA ALA F 20 -18.00 -30.74 -17.79
C ALA F 20 -18.26 -32.23 -17.54
N VAL F 21 -19.08 -32.85 -18.39
CA VAL F 21 -19.33 -34.28 -18.30
C VAL F 21 -18.23 -35.12 -18.97
N ARG F 22 -17.80 -34.70 -20.15
CA ARG F 22 -16.83 -35.42 -20.95
C ARG F 22 -15.39 -34.93 -20.77
N GLY F 23 -15.23 -33.74 -20.19
CA GLY F 23 -13.89 -33.15 -20.03
C GLY F 23 -13.27 -32.85 -21.38
N SER F 24 -14.05 -32.17 -22.21
CA SER F 24 -13.68 -31.91 -23.58
C SER F 24 -14.22 -30.54 -23.97
N PRO F 25 -13.76 -30.02 -25.12
CA PRO F 25 -14.48 -28.89 -25.68
C PRO F 25 -15.89 -29.31 -26.06
N ALA F 26 -16.84 -28.39 -26.00
CA ALA F 26 -18.18 -28.62 -26.49
C ALA F 26 -18.23 -28.25 -27.97
N VAL F 27 -18.28 -29.27 -28.83
CA VAL F 27 -18.16 -29.09 -30.28
C VAL F 27 -19.52 -28.96 -30.94
N ASP F 28 -19.59 -28.11 -31.97
CA ASP F 28 -20.80 -27.87 -32.76
C ASP F 28 -21.95 -27.27 -31.94
N VAL F 29 -21.63 -26.48 -30.92
CA VAL F 29 -22.66 -25.74 -30.19
C VAL F 29 -23.09 -24.57 -31.05
N ALA F 30 -24.39 -24.47 -31.36
CA ALA F 30 -24.91 -23.37 -32.15
C ALA F 30 -24.91 -22.09 -31.31
N VAL F 31 -24.35 -21.02 -31.87
CA VAL F 31 -24.27 -19.73 -31.20
C VAL F 31 -25.00 -18.71 -32.06
N LYS F 32 -25.89 -17.94 -31.43
CA LYS F 32 -26.60 -16.86 -32.10
C LYS F 32 -26.44 -15.59 -31.29
N VAL F 33 -25.95 -14.53 -31.95
CA VAL F 33 -25.72 -13.25 -31.32
C VAL F 33 -26.80 -12.27 -31.79
N PHE F 34 -27.37 -11.51 -30.85
CA PHE F 34 -28.38 -10.50 -31.15
C PHE F 34 -27.98 -9.16 -30.55
N LYS F 35 -28.56 -8.10 -31.08
CA LYS F 35 -28.24 -6.73 -30.69
C LYS F 35 -29.54 -5.97 -30.42
N LYS F 36 -29.61 -5.32 -29.27
CA LYS F 36 -30.82 -4.61 -28.85
C LYS F 36 -30.97 -3.28 -29.62
N THR F 37 -32.14 -3.10 -30.24
CA THR F 37 -32.45 -1.86 -30.99
C THR F 37 -33.04 -0.79 -30.07
N SER F 38 -33.35 0.37 -30.64
CA SER F 38 -33.92 1.51 -29.92
C SER F 38 -35.30 1.21 -29.33
N GLU F 39 -36.12 0.49 -30.10
CA GLU F 39 -37.46 0.09 -29.63
C GLU F 39 -37.40 -0.99 -28.55
N GLY F 40 -36.29 -1.72 -28.48
CA GLY F 40 -36.06 -2.72 -27.44
C GLY F 40 -36.16 -4.17 -27.91
N SER F 41 -36.05 -4.38 -29.22
CA SER F 41 -36.13 -5.72 -29.80
C SER F 41 -34.74 -6.28 -30.08
N TRP F 42 -34.66 -7.61 -30.19
CA TRP F 42 -33.39 -8.27 -30.48
C TRP F 42 -33.25 -8.54 -31.96
N GLU F 43 -32.38 -7.77 -32.63
CA GLU F 43 -32.08 -8.00 -34.04
C GLU F 43 -30.89 -8.94 -34.15
N PRO F 44 -30.95 -9.94 -35.07
CA PRO F 44 -29.78 -10.78 -35.32
C PRO F 44 -28.56 -9.95 -35.69
N PHE F 45 -27.41 -10.29 -35.10
CA PHE F 45 -26.16 -9.58 -35.33
C PHE F 45 -25.11 -10.47 -35.97
N ALA F 46 -24.97 -11.69 -35.43
CA ALA F 46 -24.06 -12.68 -35.98
C ALA F 46 -24.44 -14.06 -35.46
N SER F 47 -23.88 -15.10 -36.08
CA SER F 47 -24.14 -16.48 -35.65
C SER F 47 -23.08 -17.43 -36.23
N GLY F 48 -23.00 -18.61 -35.63
CA GLY F 48 -22.02 -19.62 -36.03
C GLY F 48 -22.04 -20.79 -35.07
N LYS F 49 -21.15 -21.75 -35.27
CA LYS F 49 -21.06 -22.94 -34.40
C LYS F 49 -19.63 -23.15 -33.91
N THR F 50 -19.46 -23.68 -32.71
CA THR F 50 -18.12 -23.88 -32.14
C THR F 50 -17.38 -24.95 -32.94
N ALA F 51 -16.08 -24.73 -33.15
CA ALA F 51 -15.25 -25.67 -33.88
C ALA F 51 -14.84 -26.84 -32.97
N GLU F 52 -13.92 -27.68 -33.44
CA GLU F 52 -13.47 -28.83 -32.65
C GLU F 52 -12.77 -28.41 -31.36
N SER F 53 -12.21 -27.19 -31.37
CA SER F 53 -11.57 -26.59 -30.20
C SER F 53 -12.54 -26.16 -29.10
N GLY F 54 -13.84 -26.12 -29.43
CA GLY F 54 -14.85 -25.55 -28.56
C GLY F 54 -14.97 -24.03 -28.67
N GLU F 55 -14.23 -23.43 -29.60
CA GLU F 55 -14.18 -21.98 -29.74
C GLU F 55 -14.83 -21.54 -31.05
N LEU F 56 -15.48 -20.38 -30.99
CA LEU F 56 -16.05 -19.73 -32.17
C LEU F 56 -15.36 -18.39 -32.37
N HIS F 57 -14.74 -18.22 -33.53
CA HIS F 57 -14.05 -16.98 -33.91
C HIS F 57 -14.72 -16.34 -35.13
N GLY F 58 -14.41 -15.06 -35.35
CA GLY F 58 -14.85 -14.33 -36.55
C GLY F 58 -16.35 -14.07 -36.65
N LEU F 59 -17.02 -13.91 -35.52
CA LEU F 59 -18.45 -13.56 -35.51
C LEU F 59 -18.69 -12.15 -36.07
N THR F 60 -17.80 -11.23 -35.74
CA THR F 60 -17.93 -9.84 -36.17
C THR F 60 -16.57 -9.15 -36.28
N THR F 61 -16.61 -7.85 -36.58
CA THR F 61 -15.41 -7.03 -36.74
C THR F 61 -15.47 -5.88 -35.74
N ASP F 62 -14.34 -5.21 -35.55
CA ASP F 62 -14.28 -4.04 -34.67
C ASP F 62 -15.17 -2.90 -35.18
N GLU F 63 -15.20 -2.71 -36.50
CA GLU F 63 -16.05 -1.67 -37.09
C GLU F 63 -17.55 -1.95 -36.89
N LYS F 64 -17.93 -3.22 -36.99
CA LYS F 64 -19.34 -3.61 -36.91
C LYS F 64 -19.83 -3.83 -35.47
N PHE F 65 -18.90 -4.07 -34.55
CA PHE F 65 -19.24 -4.33 -33.14
C PHE F 65 -19.34 -3.00 -32.37
N VAL F 66 -20.46 -2.30 -32.61
CA VAL F 66 -20.67 -0.96 -32.06
C VAL F 66 -21.21 -1.01 -30.63
N GLU F 67 -21.26 0.15 -29.98
CA GLU F 67 -21.80 0.27 -28.63
C GLU F 67 -23.25 -0.17 -28.59
N GLY F 68 -23.60 -1.00 -27.62
CA GLY F 68 -24.98 -1.47 -27.47
C GLY F 68 -25.13 -2.61 -26.49
N VAL F 69 -26.36 -3.08 -26.33
CA VAL F 69 -26.66 -4.22 -25.48
C VAL F 69 -26.77 -5.45 -26.38
N TYR F 70 -25.97 -6.47 -26.09
CA TYR F 70 -25.88 -7.67 -26.91
C TYR F 70 -26.32 -8.92 -26.16
N ARG F 71 -26.75 -9.92 -26.92
CA ARG F 71 -27.24 -11.18 -26.37
C ARG F 71 -26.61 -12.34 -27.12
N VAL F 72 -25.86 -13.17 -26.40
CA VAL F 72 -25.23 -14.37 -26.95
C VAL F 72 -25.99 -15.59 -26.40
N GLU F 73 -26.64 -16.35 -27.30
CA GLU F 73 -27.39 -17.54 -26.89
C GLU F 73 -26.69 -18.80 -27.39
N LEU F 74 -26.37 -19.70 -26.47
CA LEU F 74 -25.82 -21.01 -26.82
C LEU F 74 -26.95 -22.05 -26.82
N ASP F 75 -27.06 -22.83 -27.88
CA ASP F 75 -28.09 -23.87 -27.96
C ASP F 75 -27.63 -25.11 -27.20
N THR F 76 -27.77 -25.06 -25.88
CA THR F 76 -27.25 -26.13 -25.04
C THR F 76 -28.10 -27.38 -25.12
N LYS F 77 -29.42 -27.19 -25.26
CA LYS F 77 -30.37 -28.29 -25.36
C LYS F 77 -30.03 -29.24 -26.51
N SER F 78 -29.81 -28.69 -27.70
CA SER F 78 -29.45 -29.47 -28.89
C SER F 78 -28.16 -30.25 -28.67
N TYR F 79 -27.16 -29.59 -28.06
CA TYR F 79 -25.87 -30.20 -27.79
C TYR F 79 -26.03 -31.46 -26.92
N TRP F 80 -26.75 -31.32 -25.82
CA TRP F 80 -27.01 -32.47 -24.94
C TRP F 80 -27.85 -33.56 -25.60
N LYS F 81 -28.87 -33.16 -26.36
CA LYS F 81 -29.78 -34.10 -27.00
C LYS F 81 -29.12 -34.91 -28.12
N THR F 82 -28.09 -34.34 -28.75
CA THR F 82 -27.26 -35.06 -29.71
C THR F 82 -26.39 -36.12 -29.02
N LEU F 83 -26.11 -35.91 -27.73
CA LEU F 83 -25.34 -36.87 -26.92
C LEU F 83 -26.23 -37.87 -26.15
N GLY F 84 -27.52 -37.91 -26.48
CA GLY F 84 -28.46 -38.82 -25.83
C GLY F 84 -28.83 -38.44 -24.41
N ILE F 85 -28.62 -37.17 -24.05
CA ILE F 85 -28.90 -36.67 -22.71
C ILE F 85 -30.03 -35.63 -22.78
N SER F 86 -31.00 -35.76 -21.88
CA SER F 86 -32.10 -34.80 -21.78
C SER F 86 -31.75 -33.75 -20.72
N PRO F 87 -31.45 -32.51 -21.16
CA PRO F 87 -30.96 -31.48 -20.25
C PRO F 87 -32.06 -30.62 -19.63
N PHE F 88 -31.69 -29.85 -18.61
CA PHE F 88 -32.63 -28.98 -17.92
C PHE F 88 -33.00 -27.73 -18.71
N HIS F 89 -31.99 -27.00 -19.20
CA HIS F 89 -32.21 -25.67 -19.81
C HIS F 89 -32.60 -25.76 -21.29
N GLU F 90 -33.44 -24.83 -21.73
CA GLU F 90 -33.75 -24.64 -23.15
C GLU F 90 -32.53 -24.11 -23.90
N PHE F 91 -31.81 -23.23 -23.23
CA PHE F 91 -30.60 -22.62 -23.78
C PHE F 91 -29.83 -21.95 -22.65
N ALA F 92 -28.66 -21.39 -22.96
CA ALA F 92 -27.94 -20.52 -22.05
C ALA F 92 -27.68 -19.18 -22.74
N ASP F 93 -28.26 -18.10 -22.23
N ASP F 93 -28.28 -18.11 -22.21
CA ASP F 93 -28.00 -16.78 -22.82
CA ASP F 93 -28.08 -16.74 -22.68
C ASP F 93 -27.17 -15.89 -21.90
C ASP F 93 -26.98 -16.04 -21.89
N VAL F 94 -26.34 -15.06 -22.51
CA VAL F 94 -25.48 -14.10 -21.82
C VAL F 94 -25.82 -12.71 -22.38
N VAL F 95 -26.28 -11.81 -21.51
CA VAL F 95 -26.68 -10.47 -21.93
C VAL F 95 -25.83 -9.40 -21.25
N PHE F 96 -25.28 -8.50 -22.05
CA PHE F 96 -24.30 -7.53 -21.57
C PHE F 96 -24.22 -6.29 -22.47
N THR F 97 -23.92 -5.15 -21.86
CA THR F 97 -23.59 -3.94 -22.60
C THR F 97 -22.14 -4.07 -23.08
N ALA F 98 -21.90 -3.74 -24.35
CA ALA F 98 -20.57 -3.83 -24.94
C ALA F 98 -20.08 -2.46 -25.41
N ASN F 99 -18.78 -2.20 -25.22
CA ASN F 99 -18.12 -0.99 -25.72
C ASN F 99 -18.72 0.33 -25.20
N ASP F 100 -19.22 0.31 -23.95
CA ASP F 100 -19.91 1.47 -23.39
C ASP F 100 -18.99 2.63 -22.99
N SER F 101 -17.68 2.40 -23.04
CA SER F 101 -16.70 3.47 -22.75
C SER F 101 -15.40 3.30 -23.53
N GLY F 102 -15.51 2.79 -24.76
CA GLY F 102 -14.37 2.52 -25.61
C GLY F 102 -14.40 1.08 -26.10
N HIS F 103 -13.83 0.85 -27.28
CA HIS F 103 -13.85 -0.49 -27.89
C HIS F 103 -13.02 -1.46 -27.07
N ARG F 104 -13.63 -2.59 -26.72
CA ARG F 104 -12.97 -3.66 -26.00
C ARG F 104 -13.06 -4.95 -26.80
N HIS F 105 -12.24 -5.94 -26.42
CA HIS F 105 -12.39 -7.31 -26.93
C HIS F 105 -13.04 -8.15 -25.82
N TYR F 106 -13.96 -9.03 -26.22
CA TYR F 106 -14.72 -9.83 -25.28
C TYR F 106 -14.57 -11.32 -25.60
N THR F 107 -14.33 -12.12 -24.57
CA THR F 107 -14.45 -13.57 -24.69
C THR F 107 -15.56 -14.00 -23.74
N ILE F 108 -16.60 -14.62 -24.30
CA ILE F 108 -17.64 -15.28 -23.51
C ILE F 108 -17.28 -16.77 -23.40
N ALA F 109 -17.03 -17.23 -22.18
CA ALA F 109 -16.68 -18.62 -21.94
C ALA F 109 -17.83 -19.30 -21.19
N ALA F 110 -18.09 -20.57 -21.50
CA ALA F 110 -19.17 -21.31 -20.85
C ALA F 110 -18.77 -22.76 -20.55
N LEU F 111 -19.17 -23.21 -19.36
CA LEU F 111 -18.93 -24.56 -18.88
C LEU F 111 -20.29 -25.24 -18.66
N LEU F 112 -20.53 -26.32 -19.39
CA LEU F 112 -21.85 -26.96 -19.48
C LEU F 112 -21.96 -28.32 -18.77
N SER F 113 -23.03 -28.45 -17.98
CA SER F 113 -23.52 -29.74 -17.47
C SER F 113 -25.01 -29.83 -17.77
N PRO F 114 -25.59 -31.05 -17.78
CA PRO F 114 -27.01 -31.18 -18.10
C PRO F 114 -27.97 -30.33 -17.26
N TYR F 115 -27.68 -30.16 -15.97
CA TYR F 115 -28.53 -29.37 -15.06
C TYR F 115 -27.87 -28.10 -14.53
N SER F 116 -26.75 -27.71 -15.13
CA SER F 116 -26.01 -26.57 -14.63
C SER F 116 -25.11 -25.97 -15.69
N TYR F 117 -24.89 -24.66 -15.64
CA TYR F 117 -23.83 -24.04 -16.41
C TYR F 117 -23.22 -22.84 -15.73
N SER F 118 -21.97 -22.57 -16.08
CA SER F 118 -21.23 -21.40 -15.64
C SER F 118 -20.86 -20.59 -16.87
N THR F 119 -20.86 -19.27 -16.74
CA THR F 119 -20.40 -18.40 -17.81
C THR F 119 -19.54 -17.27 -17.21
N THR F 120 -18.49 -16.91 -17.93
CA THR F 120 -17.54 -15.88 -17.51
C THR F 120 -17.20 -15.01 -18.71
N ALA F 121 -16.94 -13.73 -18.47
CA ALA F 121 -16.52 -12.82 -19.53
C ALA F 121 -15.08 -12.41 -19.25
N VAL F 122 -14.25 -12.47 -20.29
CA VAL F 122 -12.92 -11.92 -20.25
C VAL F 122 -12.90 -10.71 -21.17
N VAL F 123 -12.68 -9.53 -20.59
CA VAL F 123 -12.74 -8.28 -21.32
C VAL F 123 -11.35 -7.65 -21.36
N SER F 124 -10.90 -7.28 -22.56
CA SER F 124 -9.58 -6.68 -22.74
C SER F 124 -9.65 -5.42 -23.58
N ASN F 125 -8.63 -4.57 -23.43
CA ASN F 125 -8.55 -3.29 -24.12
C ASN F 125 -7.86 -3.42 -25.48
N PRO G 12 -14.52 17.28 14.54
CA PRO G 12 -15.62 18.26 14.59
C PRO G 12 -16.98 17.78 14.10
N LEU G 13 -17.05 16.64 13.40
CA LEU G 13 -18.31 16.14 12.86
C LEU G 13 -18.36 14.61 12.92
N MET G 14 -19.17 14.09 13.84
CA MET G 14 -19.34 12.65 14.02
C MET G 14 -20.78 12.24 13.76
N VAL G 15 -20.97 11.00 13.32
CA VAL G 15 -22.28 10.41 13.21
C VAL G 15 -22.31 9.11 14.00
N LYS G 16 -23.40 8.91 14.74
CA LYS G 16 -23.64 7.68 15.50
C LYS G 16 -25.05 7.19 15.16
N VAL G 17 -25.17 5.91 14.85
CA VAL G 17 -26.47 5.35 14.42
C VAL G 17 -26.76 4.04 15.13
N LEU G 18 -27.99 3.89 15.62
CA LEU G 18 -28.43 2.67 16.29
C LEU G 18 -29.64 2.07 15.60
N ASP G 19 -29.77 0.75 15.73
CA ASP G 19 -30.85 -0.03 15.14
C ASP G 19 -31.83 -0.42 16.24
N ALA G 20 -33.06 0.09 16.17
CA ALA G 20 -34.08 -0.16 17.18
C ALA G 20 -34.77 -1.52 17.07
N VAL G 21 -34.59 -2.19 15.92
CA VAL G 21 -35.16 -3.51 15.69
C VAL G 21 -34.25 -4.59 16.26
N ARG G 22 -32.96 -4.46 16.02
CA ARG G 22 -31.98 -5.48 16.41
C ARG G 22 -31.34 -5.22 17.78
N GLY G 23 -31.45 -3.99 18.29
CA GLY G 23 -30.83 -3.61 19.56
C GLY G 23 -29.31 -3.63 19.44
N SER G 24 -28.81 -2.96 18.41
CA SER G 24 -27.39 -2.99 18.08
C SER G 24 -27.01 -1.70 17.38
N PRO G 25 -25.70 -1.48 17.17
CA PRO G 25 -25.32 -0.41 16.27
C PRO G 25 -25.80 -0.68 14.85
N ALA G 26 -26.07 0.38 14.09
CA ALA G 26 -26.37 0.26 12.68
C ALA G 26 -25.07 0.32 11.89
N VAL G 27 -24.62 -0.84 11.41
CA VAL G 27 -23.31 -0.98 10.76
C VAL G 27 -23.44 -0.83 9.24
N ASP G 28 -22.40 -0.28 8.61
CA ASP G 28 -22.35 -0.04 7.16
C ASP G 28 -23.51 0.82 6.64
N VAL G 29 -23.92 1.81 7.42
CA VAL G 29 -24.88 2.80 6.96
C VAL G 29 -24.11 3.87 6.20
N ALA G 30 -24.47 4.08 4.93
CA ALA G 30 -23.78 5.04 4.07
C ALA G 30 -24.18 6.47 4.45
N VAL G 31 -23.19 7.33 4.62
CA VAL G 31 -23.42 8.73 5.02
C VAL G 31 -22.79 9.68 4.01
N LYS G 32 -23.60 10.61 3.50
CA LYS G 32 -23.14 11.65 2.58
C LYS G 32 -23.33 13.01 3.23
N VAL G 33 -22.30 13.84 3.18
CA VAL G 33 -22.36 15.20 3.75
C VAL G 33 -22.23 16.22 2.63
N PHE G 34 -23.10 17.22 2.62
CA PHE G 34 -23.09 18.28 1.61
C PHE G 34 -23.03 19.64 2.27
N LYS G 35 -22.50 20.63 1.53
CA LYS G 35 -22.44 22.02 1.98
C LYS G 35 -23.18 22.90 0.98
N LYS G 36 -24.04 23.78 1.48
CA LYS G 36 -24.82 24.67 0.62
C LYS G 36 -23.95 25.79 0.04
N THR G 37 -24.04 25.99 -1.28
CA THR G 37 -23.28 27.02 -1.97
C THR G 37 -23.98 28.37 -1.94
N SER G 38 -23.30 29.41 -2.42
CA SER G 38 -23.88 30.74 -2.55
C SER G 38 -25.12 30.75 -3.44
N GLU G 39 -25.05 30.05 -4.57
CA GLU G 39 -26.16 29.98 -5.53
C GLU G 39 -27.37 29.21 -4.98
N GLY G 40 -27.16 28.39 -3.95
CA GLY G 40 -28.24 27.72 -3.25
C GLY G 40 -28.38 26.23 -3.57
N SER G 41 -27.28 25.60 -3.99
CA SER G 41 -27.28 24.16 -4.29
C SER G 41 -26.36 23.41 -3.34
N TRP G 42 -26.53 22.08 -3.30
CA TRP G 42 -25.75 21.22 -2.42
C TRP G 42 -24.55 20.64 -3.18
N GLU G 43 -23.35 20.95 -2.71
CA GLU G 43 -22.12 20.37 -3.27
C GLU G 43 -21.54 19.34 -2.28
N PRO G 44 -21.01 18.21 -2.80
CA PRO G 44 -20.42 17.21 -1.91
C PRO G 44 -19.33 17.76 -1.00
N PHE G 45 -19.40 17.38 0.28
CA PHE G 45 -18.43 17.82 1.28
C PHE G 45 -17.60 16.66 1.83
N ALA G 46 -18.29 15.58 2.21
CA ALA G 46 -17.62 14.40 2.76
C ALA G 46 -18.54 13.19 2.71
N SER G 47 -17.95 11.99 2.83
CA SER G 47 -18.71 10.76 2.80
C SER G 47 -18.00 9.64 3.55
N GLY G 48 -18.79 8.67 4.03
CA GLY G 48 -18.25 7.50 4.72
C GLY G 48 -19.34 6.51 5.07
N LYS G 49 -18.96 5.46 5.79
CA LYS G 49 -19.89 4.46 6.29
C LYS G 49 -19.66 4.22 7.78
N THR G 50 -20.73 3.88 8.50
CA THR G 50 -20.63 3.61 9.93
C THR G 50 -19.87 2.30 10.20
N ALA G 51 -19.00 2.32 11.21
CA ALA G 51 -18.19 1.15 11.57
C ALA G 51 -19.03 0.16 12.38
N GLU G 52 -18.37 -0.90 12.88
CA GLU G 52 -19.00 -1.90 13.74
C GLU G 52 -19.70 -1.27 14.95
N SER G 53 -19.12 -0.18 15.45
CA SER G 53 -19.67 0.55 16.60
C SER G 53 -20.91 1.39 16.25
N GLY G 54 -21.23 1.50 14.96
CA GLY G 54 -22.34 2.33 14.49
C GLY G 54 -21.94 3.79 14.31
N GLU G 55 -20.65 4.06 14.47
CA GLU G 55 -20.13 5.41 14.47
C GLU G 55 -19.29 5.67 13.22
N LEU G 56 -19.26 6.93 12.80
CA LEU G 56 -18.45 7.38 11.68
C LEU G 56 -17.60 8.57 12.12
N HIS G 57 -16.28 8.35 12.18
CA HIS G 57 -15.33 9.38 12.58
C HIS G 57 -14.53 9.87 11.37
N GLY G 58 -13.81 10.98 11.54
CA GLY G 58 -12.86 11.46 10.54
C GLY G 58 -13.45 11.92 9.22
N LEU G 59 -14.67 12.41 9.24
CA LEU G 59 -15.32 12.94 8.03
C LEU G 59 -14.62 14.20 7.53
N THR G 60 -14.24 15.08 8.45
CA THR G 60 -13.65 16.38 8.11
C THR G 60 -12.72 16.90 9.21
N THR G 61 -12.18 18.10 9.00
CA THR G 61 -11.36 18.79 10.01
C THR G 61 -11.88 20.21 10.23
N ASP G 62 -11.35 20.88 11.26
CA ASP G 62 -11.74 22.27 11.55
C ASP G 62 -11.27 23.25 10.47
N GLU G 63 -10.24 22.87 9.72
CA GLU G 63 -9.78 23.68 8.59
C GLU G 63 -10.84 23.74 7.49
N LYS G 64 -11.41 22.58 7.15
CA LYS G 64 -12.37 22.47 6.04
C LYS G 64 -13.82 22.69 6.48
N PHE G 65 -14.11 22.35 7.73
CA PHE G 65 -15.46 22.45 8.29
C PHE G 65 -15.76 23.89 8.73
N VAL G 66 -15.99 24.76 7.75
CA VAL G 66 -16.19 26.19 7.97
C VAL G 66 -17.68 26.53 8.12
N GLU G 67 -17.96 27.81 8.40
CA GLU G 67 -19.32 28.31 8.51
C GLU G 67 -20.14 28.04 7.24
N GLY G 68 -21.33 27.49 7.43
CA GLY G 68 -22.24 27.21 6.32
C GLY G 68 -23.40 26.34 6.73
N VAL G 69 -24.29 26.07 5.78
CA VAL G 69 -25.41 25.16 5.98
C VAL G 69 -25.00 23.79 5.44
N TYR G 70 -25.12 22.78 6.29
CA TYR G 70 -24.71 21.42 5.95
C TYR G 70 -25.91 20.48 5.90
N ARG G 71 -25.76 19.42 5.11
CA ARG G 71 -26.76 18.38 4.96
C ARG G 71 -26.08 17.03 5.14
N VAL G 72 -26.51 16.27 6.16
CA VAL G 72 -25.98 14.94 6.42
C VAL G 72 -27.07 13.91 6.09
N GLU G 73 -26.80 13.04 5.12
CA GLU G 73 -27.80 12.08 4.66
C GLU G 73 -27.38 10.64 4.99
N LEU G 74 -28.23 9.94 5.73
CA LEU G 74 -28.04 8.52 5.99
C LEU G 74 -28.88 7.73 4.98
N ASP G 75 -28.25 6.78 4.30
CA ASP G 75 -28.96 5.90 3.36
C ASP G 75 -29.68 4.79 4.13
N THR G 76 -30.78 5.17 4.77
CA THR G 76 -31.56 4.25 5.60
C THR G 76 -32.24 3.16 4.75
N LYS G 77 -32.60 3.51 3.51
CA LYS G 77 -33.30 2.57 2.62
C LYS G 77 -32.42 1.37 2.29
N SER G 78 -31.20 1.63 1.84
CA SER G 78 -30.24 0.57 1.53
C SER G 78 -29.90 -0.27 2.76
N TYR G 79 -29.86 0.36 3.92
CA TYR G 79 -29.55 -0.33 5.18
C TYR G 79 -30.59 -1.40 5.50
N TRP G 80 -31.87 -1.03 5.44
CA TRP G 80 -32.95 -1.96 5.75
C TRP G 80 -33.09 -3.06 4.70
N LYS G 81 -32.97 -2.70 3.42
CA LYS G 81 -33.10 -3.66 2.32
C LYS G 81 -31.98 -4.72 2.32
N THR G 82 -30.80 -4.33 2.81
CA THR G 82 -29.69 -5.28 3.02
C THR G 82 -30.04 -6.34 4.07
N LEU G 83 -30.90 -5.96 5.02
CA LEU G 83 -31.38 -6.88 6.07
C LEU G 83 -32.67 -7.62 5.68
N GLY G 84 -33.11 -7.46 4.43
CA GLY G 84 -34.35 -8.09 3.96
C GLY G 84 -35.63 -7.38 4.42
N ILE G 85 -35.52 -6.12 4.82
CA ILE G 85 -36.67 -5.35 5.31
C ILE G 85 -36.96 -4.19 4.36
N SER G 86 -38.22 -4.04 3.97
CA SER G 86 -38.64 -2.93 3.10
C SER G 86 -39.05 -1.75 3.98
N PRO G 87 -38.24 -0.67 3.98
CA PRO G 87 -38.47 0.50 4.82
C PRO G 87 -39.36 1.56 4.19
N PHE G 88 -39.78 2.53 5.00
CA PHE G 88 -40.67 3.59 4.53
C PHE G 88 -39.92 4.70 3.80
N HIS G 89 -38.88 5.22 4.44
CA HIS G 89 -38.20 6.42 3.95
C HIS G 89 -37.17 6.14 2.85
N GLU G 90 -37.01 7.10 1.94
CA GLU G 90 -35.98 7.02 0.90
C GLU G 90 -34.60 7.21 1.51
N PHE G 91 -34.55 8.03 2.55
CA PHE G 91 -33.33 8.29 3.30
C PHE G 91 -33.70 9.12 4.53
N ALA G 92 -32.73 9.35 5.41
CA ALA G 92 -32.91 10.22 6.55
C ALA G 92 -31.83 11.28 6.51
N ASP G 93 -32.22 12.54 6.32
CA ASP G 93 -31.24 13.63 6.29
C ASP G 93 -31.44 14.64 7.42
N VAL G 94 -30.34 15.31 7.74
CA VAL G 94 -30.28 16.31 8.80
C VAL G 94 -29.65 17.57 8.19
N VAL G 95 -30.37 18.69 8.26
CA VAL G 95 -29.87 19.94 7.70
C VAL G 95 -29.74 20.97 8.82
N PHE G 96 -28.57 21.61 8.90
CA PHE G 96 -28.26 22.53 9.99
C PHE G 96 -27.18 23.53 9.62
N THR G 97 -27.24 24.71 10.24
CA THR G 97 -26.20 25.71 10.14
C THR G 97 -25.13 25.36 11.15
N ALA G 98 -23.87 25.41 10.74
CA ALA G 98 -22.74 25.04 11.59
C ALA G 98 -21.73 26.18 11.69
N ASN G 99 -21.13 26.33 12.87
CA ASN G 99 -19.99 27.22 13.08
C ASN G 99 -20.27 28.71 12.82
N ASP G 100 -21.48 29.15 13.11
CA ASP G 100 -21.89 30.54 12.86
C ASP G 100 -21.61 31.48 14.03
N SER G 101 -21.13 30.93 15.15
CA SER G 101 -20.62 31.74 16.26
C SER G 101 -19.25 31.21 16.68
N GLY G 102 -18.45 30.80 15.69
CA GLY G 102 -17.15 30.17 15.94
C GLY G 102 -17.25 28.66 15.80
N HIS G 103 -16.09 28.00 15.77
CA HIS G 103 -16.03 26.55 15.59
C HIS G 103 -16.61 25.80 16.79
N ARG G 104 -17.45 24.81 16.50
CA ARG G 104 -17.94 23.87 17.51
C ARG G 104 -17.73 22.45 16.97
N HIS G 105 -17.86 21.46 17.86
CA HIS G 105 -17.86 20.06 17.47
C HIS G 105 -19.30 19.55 17.51
N TYR G 106 -19.68 18.77 16.50
CA TYR G 106 -21.04 18.28 16.36
C TYR G 106 -21.07 16.77 16.26
N THR G 107 -22.04 16.17 16.95
CA THR G 107 -22.38 14.77 16.77
C THR G 107 -23.83 14.70 16.33
N ILE G 108 -24.09 14.02 15.22
CA ILE G 108 -25.45 13.73 14.78
C ILE G 108 -25.74 12.27 15.11
N ALA G 109 -26.63 12.06 16.08
CA ALA G 109 -27.03 10.73 16.48
C ALA G 109 -28.37 10.40 15.82
N ALA G 110 -28.55 9.13 15.45
CA ALA G 110 -29.82 8.68 14.85
C ALA G 110 -30.23 7.29 15.33
N LEU G 111 -31.52 7.12 15.55
CA LEU G 111 -32.10 5.82 15.94
C LEU G 111 -33.08 5.40 14.85
N LEU G 112 -32.86 4.21 14.29
CA LEU G 112 -33.59 3.76 13.10
C LEU G 112 -34.56 2.61 13.36
N SER G 113 -35.79 2.78 12.89
CA SER G 113 -36.74 1.69 12.71
C SER G 113 -37.25 1.75 11.26
N PRO G 114 -37.85 0.65 10.76
CA PRO G 114 -38.27 0.63 9.35
C PRO G 114 -39.22 1.78 8.92
N TYR G 115 -40.16 2.16 9.78
CA TYR G 115 -41.12 3.23 9.46
C TYR G 115 -40.93 4.49 10.31
N SER G 116 -39.82 4.58 11.04
CA SER G 116 -39.59 5.67 11.98
C SER G 116 -38.10 5.93 12.15
N TYR G 117 -37.74 7.19 12.38
CA TYR G 117 -36.40 7.50 12.89
C TYR G 117 -36.42 8.73 13.79
N SER G 118 -35.45 8.80 14.69
CA SER G 118 -35.21 10.01 15.47
C SER G 118 -33.78 10.44 15.24
N THR G 119 -33.55 11.75 15.34
CA THR G 119 -32.20 12.29 15.20
C THR G 119 -32.00 13.40 16.20
N THR G 120 -30.84 13.40 16.83
CA THR G 120 -30.48 14.40 17.84
C THR G 120 -29.10 14.97 17.54
N ALA G 121 -28.91 16.25 17.86
CA ALA G 121 -27.62 16.90 17.71
C ALA G 121 -26.99 17.15 19.09
N VAL G 122 -25.72 16.76 19.24
CA VAL G 122 -24.93 17.15 20.40
C VAL G 122 -23.87 18.16 19.96
N VAL G 123 -23.97 19.38 20.48
CA VAL G 123 -23.05 20.46 20.13
C VAL G 123 -22.19 20.82 21.34
N SER G 124 -20.87 20.78 21.17
CA SER G 124 -19.93 21.14 22.23
C SER G 124 -18.95 22.21 21.74
N PRO H 12 -20.30 -4.22 31.61
CA PRO H 12 -21.51 -4.94 31.19
C PRO H 12 -22.83 -4.16 31.20
N LEU H 13 -22.88 -3.01 31.88
CA LEU H 13 -24.10 -2.21 31.94
C LEU H 13 -23.75 -0.72 31.94
N MET H 14 -24.01 -0.06 30.80
CA MET H 14 -23.72 1.36 30.63
C MET H 14 -25.01 2.15 30.48
N VAL H 15 -24.96 3.43 30.84
CA VAL H 15 -26.07 4.35 30.63
C VAL H 15 -25.56 5.60 29.93
N LYS H 16 -26.29 6.04 28.90
CA LYS H 16 -25.94 7.25 28.14
C LYS H 16 -27.18 8.11 27.99
N VAL H 17 -27.10 9.39 28.36
CA VAL H 17 -28.26 10.27 28.32
C VAL H 17 -27.94 11.59 27.63
N LEU H 18 -28.82 11.99 26.71
CA LEU H 18 -28.69 13.25 25.98
C LEU H 18 -29.85 14.19 26.30
N ASP H 19 -29.60 15.50 26.16
CA ASP H 19 -30.60 16.54 26.40
C ASP H 19 -31.00 17.15 25.06
N ALA H 20 -32.27 16.95 24.69
CA ALA H 20 -32.81 17.40 23.39
C ALA H 20 -33.17 18.90 23.33
N VAL H 21 -33.20 19.57 24.49
CA VAL H 21 -33.46 21.01 24.53
C VAL H 21 -32.16 21.80 24.40
N ARG H 22 -31.12 21.34 25.08
CA ARG H 22 -29.82 22.01 25.09
C ARG H 22 -28.88 21.53 23.98
N GLY H 23 -29.15 20.35 23.42
CA GLY H 23 -28.26 19.76 22.41
C GLY H 23 -26.91 19.41 23.02
N SER H 24 -26.96 18.69 24.13
CA SER H 24 -25.79 18.41 24.95
C SER H 24 -25.96 17.07 25.65
N PRO H 25 -24.88 16.54 26.24
CA PRO H 25 -25.07 15.42 27.15
C PRO H 25 -25.87 15.85 28.38
N ALA H 26 -26.65 14.93 28.94
CA ALA H 26 -27.37 15.18 30.19
C ALA H 26 -26.44 14.81 31.36
N VAL H 27 -25.88 15.85 31.98
CA VAL H 27 -24.87 15.69 33.03
C VAL H 27 -25.52 15.58 34.41
N ASP H 28 -24.93 14.73 35.26
CA ASP H 28 -25.38 14.54 36.64
C ASP H 28 -26.85 14.08 36.75
N VAL H 29 -27.28 13.24 35.82
CA VAL H 29 -28.55 12.53 35.95
C VAL H 29 -28.34 11.39 36.95
N ALA H 30 -29.14 11.37 38.01
CA ALA H 30 -29.07 10.29 39.00
C ALA H 30 -29.66 9.01 38.45
N VAL H 31 -28.89 7.93 38.53
CA VAL H 31 -29.29 6.62 38.02
C VAL H 31 -29.29 5.61 39.15
N LYS H 32 -30.39 4.88 39.28
CA LYS H 32 -30.51 3.81 40.27
C LYS H 32 -30.92 2.51 39.57
N VAL H 33 -30.20 1.44 39.85
CA VAL H 33 -30.48 0.14 39.26
C VAL H 33 -30.97 -0.81 40.35
N PHE H 34 -32.03 -1.55 40.03
CA PHE H 34 -32.61 -2.54 40.93
C PHE H 34 -32.67 -3.89 40.22
N LYS H 35 -32.61 -4.96 41.01
CA LYS H 35 -32.75 -6.31 40.50
C LYS H 35 -33.93 -6.98 41.19
N LYS H 36 -34.72 -7.72 40.41
CA LYS H 36 -35.89 -8.41 40.93
C LYS H 36 -35.46 -9.71 41.62
N THR H 37 -36.17 -10.06 42.69
CA THR H 37 -35.90 -11.27 43.46
C THR H 37 -36.99 -12.32 43.19
N SER H 38 -36.79 -13.51 43.76
CA SER H 38 -37.77 -14.61 43.65
C SER H 38 -39.15 -14.20 44.15
N GLU H 39 -39.18 -13.50 45.28
CA GLU H 39 -40.44 -13.04 45.88
C GLU H 39 -41.11 -11.90 45.09
N GLY H 40 -40.35 -11.25 44.21
CA GLY H 40 -40.89 -10.24 43.29
C GLY H 40 -40.72 -8.82 43.78
N SER H 41 -39.63 -8.55 44.50
CA SER H 41 -39.34 -7.23 45.05
C SER H 41 -38.15 -6.59 44.33
N TRP H 42 -38.09 -5.25 44.41
CA TRP H 42 -36.95 -4.49 43.88
C TRP H 42 -35.91 -4.29 45.00
N GLU H 43 -34.78 -5.00 44.91
CA GLU H 43 -33.64 -4.72 45.79
C GLU H 43 -32.63 -3.86 45.05
N PRO H 44 -31.84 -3.04 45.78
CA PRO H 44 -30.94 -2.12 45.10
C PRO H 44 -29.75 -2.91 44.58
N PHE H 45 -29.29 -2.58 43.37
CA PHE H 45 -28.22 -3.32 42.71
C PHE H 45 -27.00 -2.43 42.50
N ALA H 46 -27.22 -1.23 41.97
CA ALA H 46 -26.16 -0.27 41.73
C ALA H 46 -26.74 1.13 41.61
N SER H 47 -25.86 2.13 41.69
CA SER H 47 -26.28 3.53 41.52
C SER H 47 -25.11 4.41 41.14
N GLY H 48 -25.42 5.52 40.48
CA GLY H 48 -24.42 6.47 40.02
C GLY H 48 -25.03 7.71 39.42
N LYS H 49 -24.18 8.58 38.90
CA LYS H 49 -24.59 9.77 38.18
C LYS H 49 -23.84 9.85 36.86
N THR H 50 -24.50 10.39 35.84
CA THR H 50 -23.87 10.57 34.54
C THR H 50 -22.77 11.62 34.64
N ALA H 51 -21.66 11.37 33.95
CA ALA H 51 -20.54 12.31 33.91
C ALA H 51 -20.82 13.45 32.93
N GLU H 52 -19.80 14.26 32.65
CA GLU H 52 -19.93 15.38 31.72
C GLU H 52 -20.16 14.88 30.28
N SER H 53 -19.75 13.64 30.01
CA SER H 53 -20.02 12.97 28.74
C SER H 53 -21.49 12.55 28.58
N GLY H 54 -22.25 12.58 29.67
CA GLY H 54 -23.62 12.07 29.69
C GLY H 54 -23.68 10.57 29.93
N GLU H 55 -22.51 9.95 30.13
CA GLU H 55 -22.40 8.50 30.25
C GLU H 55 -22.08 8.10 31.69
N LEU H 56 -22.59 6.93 32.08
CA LEU H 56 -22.34 6.35 33.39
C LEU H 56 -21.71 4.97 33.21
N HIS H 57 -20.47 4.82 33.66
CA HIS H 57 -19.73 3.56 33.58
C HIS H 57 -19.48 2.99 34.98
N GLY H 58 -19.12 1.71 35.03
CA GLY H 58 -18.69 1.06 36.26
C GLY H 58 -19.78 0.78 37.28
N LEU H 59 -21.02 0.62 36.81
CA LEU H 59 -22.14 0.29 37.68
C LEU H 59 -22.02 -1.11 38.29
N THR H 60 -21.45 -2.05 37.52
CA THR H 60 -21.33 -3.44 37.95
C THR H 60 -20.24 -4.18 37.16
N THR H 61 -20.14 -5.49 37.38
CA THR H 61 -19.21 -6.34 36.64
C THR H 61 -19.94 -7.59 36.14
N ASP H 62 -19.29 -8.33 35.25
CA ASP H 62 -19.90 -9.54 34.66
C ASP H 62 -20.27 -10.59 35.69
N GLU H 63 -19.44 -10.75 36.72
CA GLU H 63 -19.69 -11.76 37.77
C GLU H 63 -20.88 -11.36 38.67
N LYS H 64 -21.03 -10.06 38.91
CA LYS H 64 -22.13 -9.54 39.73
C LYS H 64 -23.42 -9.41 38.92
N PHE H 65 -23.28 -9.08 37.64
CA PHE H 65 -24.43 -8.87 36.75
C PHE H 65 -24.98 -10.22 36.28
N VAL H 66 -25.66 -10.90 37.20
CA VAL H 66 -26.18 -12.25 36.95
C VAL H 66 -27.55 -12.21 36.28
N GLU H 67 -28.04 -13.38 35.87
CA GLU H 67 -29.36 -13.51 35.26
C GLU H 67 -30.46 -12.96 36.17
N GLY H 68 -31.38 -12.20 35.59
CA GLY H 68 -32.50 -11.66 36.33
C GLY H 68 -33.24 -10.55 35.61
N VAL H 69 -34.28 -10.03 36.26
CA VAL H 69 -35.03 -8.90 35.76
C VAL H 69 -34.48 -7.66 36.47
N TYR H 70 -34.04 -6.68 35.68
CA TYR H 70 -33.43 -5.46 36.20
C TYR H 70 -34.28 -4.24 35.86
N ARG H 71 -34.12 -3.19 36.66
CA ARG H 71 -34.82 -1.93 36.46
C ARG H 71 -33.82 -0.78 36.60
N VAL H 72 -33.66 -0.01 35.53
CA VAL H 72 -32.79 1.15 35.52
C VAL H 72 -33.66 2.40 35.53
N GLU H 73 -33.51 3.22 36.58
CA GLU H 73 -34.32 4.42 36.77
C GLU H 73 -33.45 5.66 36.65
N LEU H 74 -33.81 6.53 35.71
CA LEU H 74 -33.17 7.83 35.54
C LEU H 74 -34.04 8.87 36.22
N ASP H 75 -33.44 9.65 37.13
CA ASP H 75 -34.16 10.71 37.84
C ASP H 75 -34.25 11.96 36.96
N THR H 76 -35.15 11.90 35.98
CA THR H 76 -35.31 12.98 35.02
C THR H 76 -35.94 14.23 35.64
N LYS H 77 -36.76 14.05 36.68
CA LYS H 77 -37.45 15.15 37.33
C LYS H 77 -36.48 16.12 38.02
N SER H 78 -35.54 15.57 38.79
CA SER H 78 -34.51 16.38 39.43
C SER H 78 -33.62 17.07 38.40
N TYR H 79 -33.31 16.36 37.31
CA TYR H 79 -32.51 16.94 36.23
C TYR H 79 -33.13 18.22 35.68
N TRP H 80 -34.39 18.15 35.25
CA TRP H 80 -35.06 19.31 34.67
C TRP H 80 -35.25 20.43 35.69
N LYS H 81 -35.56 20.07 36.94
CA LYS H 81 -35.74 21.07 38.00
C LYS H 81 -34.48 21.90 38.24
N THR H 82 -33.33 21.24 38.22
CA THR H 82 -32.03 21.90 38.36
C THR H 82 -31.82 22.96 37.27
N LEU H 83 -32.37 22.71 36.08
CA LEU H 83 -32.29 23.67 34.96
C LEU H 83 -33.45 24.70 34.94
N GLY H 84 -34.22 24.77 36.03
CA GLY H 84 -35.35 25.69 36.12
C GLY H 84 -36.55 25.34 35.27
N ILE H 85 -36.70 24.06 34.90
CA ILE H 85 -37.82 23.60 34.07
C ILE H 85 -38.68 22.61 34.84
N SER H 86 -40.00 22.76 34.73
CA SER H 86 -40.96 21.87 35.38
C SER H 86 -41.35 20.76 34.41
N PRO H 87 -40.80 19.54 34.60
CA PRO H 87 -41.02 18.47 33.64
C PRO H 87 -42.31 17.68 33.88
N PHE H 88 -42.68 16.84 32.91
CA PHE H 88 -43.92 16.04 33.00
C PHE H 88 -43.72 14.81 33.87
N HIS H 89 -42.66 14.04 33.60
CA HIS H 89 -42.50 12.72 34.18
C HIS H 89 -41.88 12.77 35.58
N GLU H 90 -42.25 11.82 36.43
CA GLU H 90 -41.65 11.69 37.76
C GLU H 90 -40.25 11.09 37.63
N PHE H 91 -40.07 10.27 36.58
CA PHE H 91 -38.79 9.64 36.27
C PHE H 91 -38.94 8.91 34.95
N ALA H 92 -37.86 8.30 34.48
CA ALA H 92 -37.88 7.45 33.30
C ALA H 92 -37.20 6.13 33.66
N ASP H 93 -37.96 5.04 33.60
CA ASP H 93 -37.41 3.72 33.93
C ASP H 93 -37.45 2.76 32.75
N VAL H 94 -36.52 1.82 32.77
CA VAL H 94 -36.38 0.79 31.76
C VAL H 94 -36.32 -0.55 32.50
N VAL H 95 -37.28 -1.43 32.21
CA VAL H 95 -37.35 -2.74 32.85
C VAL H 95 -37.11 -3.81 31.80
N PHE H 96 -36.22 -4.75 32.09
CA PHE H 96 -35.82 -5.78 31.13
C PHE H 96 -35.17 -6.99 31.80
N THR H 97 -35.24 -8.13 31.13
CA THR H 97 -34.57 -9.34 31.56
C THR H 97 -33.16 -9.36 30.98
N ALA H 98 -32.16 -9.63 31.83
CA ALA H 98 -30.76 -9.62 31.41
C ALA H 98 -30.11 -10.98 31.61
N ASN H 99 -29.22 -11.34 30.68
CA ASN H 99 -28.40 -12.55 30.77
C ASN H 99 -29.18 -13.86 30.88
N ASP H 100 -30.39 -13.89 30.31
CA ASP H 100 -31.23 -15.09 30.33
C ASP H 100 -30.74 -16.15 29.34
N SER H 101 -30.30 -15.71 28.15
CA SER H 101 -29.71 -16.60 27.15
C SER H 101 -28.29 -16.14 26.82
N GLY H 102 -27.34 -16.55 27.66
CA GLY H 102 -25.94 -16.14 27.55
C GLY H 102 -25.70 -14.79 28.19
N HIS H 103 -24.47 -14.56 28.66
CA HIS H 103 -24.11 -13.30 29.32
C HIS H 103 -23.73 -12.25 28.29
N ARG H 104 -24.38 -11.09 28.35
CA ARG H 104 -24.17 -10.01 27.37
C ARG H 104 -23.90 -8.66 28.04
N HIS H 105 -23.49 -7.71 27.22
CA HIS H 105 -23.25 -6.33 27.65
C HIS H 105 -24.40 -5.46 27.16
N TYR H 106 -24.87 -4.58 28.04
CA TYR H 106 -26.05 -3.73 27.80
C TYR H 106 -25.70 -2.25 27.86
N THR H 107 -26.23 -1.48 26.90
CA THR H 107 -26.21 -0.02 26.99
C THR H 107 -27.65 0.47 26.97
N ILE H 108 -28.05 1.22 27.99
CA ILE H 108 -29.35 1.88 28.01
C ILE H 108 -29.11 3.34 27.63
N ALA H 109 -29.58 3.72 26.45
CA ALA H 109 -29.46 5.09 25.97
C ALA H 109 -30.80 5.79 26.13
N ALA H 110 -30.77 7.08 26.48
CA ALA H 110 -31.99 7.86 26.64
C ALA H 110 -31.83 9.28 26.11
N LEU H 111 -32.93 9.83 25.57
CA LEU H 111 -32.98 11.17 25.04
C LEU H 111 -34.10 11.90 25.75
N LEU H 112 -33.80 13.00 26.41
CA LEU H 112 -34.77 13.68 27.27
C LEU H 112 -35.28 15.02 26.74
N SER H 113 -36.60 15.19 26.80
CA SER H 113 -37.24 16.50 26.69
C SER H 113 -38.17 16.67 27.90
N PRO H 114 -38.58 17.91 28.20
CA PRO H 114 -39.48 18.14 29.34
C PRO H 114 -40.76 17.28 29.35
N TYR H 115 -41.38 17.09 28.20
CA TYR H 115 -42.64 16.31 28.11
C TYR H 115 -42.50 15.02 27.29
N SER H 116 -41.26 14.59 27.05
CA SER H 116 -41.03 13.45 26.17
C SER H 116 -39.67 12.83 26.43
N TYR H 117 -39.59 11.51 26.29
CA TYR H 117 -38.30 10.83 26.25
C TYR H 117 -38.34 9.62 25.33
N SER H 118 -37.17 9.27 24.81
CA SER H 118 -36.99 8.06 24.04
C SER H 118 -35.90 7.25 24.72
N THR H 119 -36.03 5.93 24.67
CA THR H 119 -35.01 5.05 25.25
C THR H 119 -34.75 3.89 24.29
N THR H 120 -33.48 3.52 24.17
CA THR H 120 -33.07 2.39 23.35
C THR H 120 -32.07 1.53 24.12
N ALA H 121 -32.09 0.24 23.83
CA ALA H 121 -31.17 -0.71 24.41
C ALA H 121 -30.24 -1.23 23.31
N VAL H 122 -28.94 -1.21 23.58
CA VAL H 122 -27.95 -1.79 22.68
C VAL H 122 -27.34 -3.00 23.39
N VAL H 123 -27.51 -4.19 22.81
CA VAL H 123 -27.03 -5.43 23.40
C VAL H 123 -25.95 -6.04 22.51
N SER H 124 -24.86 -6.51 23.14
CA SER H 124 -23.72 -7.05 22.41
C SER H 124 -23.09 -8.25 23.12
#